data_2JJK
#
_entry.id   2JJK
#
_cell.length_a   67.176
_cell.length_b   83.012
_cell.length_c   277.234
_cell.angle_alpha   90.00
_cell.angle_beta   90.00
_cell.angle_gamma   90.00
#
_symmetry.space_group_name_H-M   'P 21 21 21'
#
loop_
_entity.id
_entity.type
_entity.pdbx_description
1 polymer 'FRUCTOSE-1,6-BISPHOSPHATASE 1'
2 non-polymer "N,N'-(heptane-1,7-diyldicarbamoyl)bis(3-chlorobenzenesulfonamide)"
3 water water
#
_entity_poly.entity_id   1
_entity_poly.type   'polypeptide(L)'
_entity_poly.pdbx_seq_one_letter_code
;MADQAPFDTDVNTLTRFVMEEGRKARGTGELTQLLNSLCTAVKAISSAVRKAGIAHLYGIAGSTNVTGDQVKKLDVLSND
LVMNMLKSSFATCVLVSEEDKHAIIVEPEKRGKYVVCFDPLDGSSNIDCLVSVGTIFGIYRKKSTDEPSEKDALQPGRNL
VAAGYALYGSATMLVLAMDCGVNCFMLDPAIGEFILVDKDVKIKKKGKIYSLNEGYAKDFDPAVTEYIQRKKFPPDNSAP
YGARYVGSMVADVHRTLVYGGIFLYPANKKSPNGKLRLLYECNPMAYVMEKAGGMATTGKEAVLDVIPTDIHQRAPVILG
SPDDVLEFLKVYEKHSAQ
;
_entity_poly.pdbx_strand_id   A,B,C,D
#
# COMPACT_ATOMS: atom_id res chain seq x y z
N ASP A 10 -17.77 -18.79 -4.10
CA ASP A 10 -17.31 -18.02 -2.90
C ASP A 10 -15.88 -17.56 -3.09
N VAL A 11 -15.58 -16.34 -2.66
CA VAL A 11 -14.19 -15.89 -2.60
C VAL A 11 -13.35 -16.95 -1.88
N ASN A 12 -12.12 -17.15 -2.36
CA ASN A 12 -11.21 -18.08 -1.74
C ASN A 12 -9.83 -17.47 -1.70
N THR A 13 -9.27 -17.45 -0.52
CA THR A 13 -7.96 -16.89 -0.28
C THR A 13 -7.06 -18.09 -0.10
N LEU A 14 -5.76 -17.91 -0.19
CA LEU A 14 -4.87 -19.06 0.02
C LEU A 14 -5.06 -19.69 1.41
N THR A 15 -5.23 -18.86 2.45
CA THR A 15 -5.36 -19.35 3.82
C THR A 15 -6.55 -20.28 3.91
N ARG A 16 -7.70 -19.78 3.50
CA ARG A 16 -8.90 -20.61 3.42
C ARG A 16 -8.75 -21.90 2.60
N PHE A 17 -8.17 -21.79 1.41
CA PHE A 17 -8.00 -22.92 0.49
C PHE A 17 -7.23 -24.07 1.13
N VAL A 18 -6.11 -23.72 1.75
CA VAL A 18 -5.17 -24.69 2.27
C VAL A 18 -5.82 -25.43 3.42
N MET A 19 -6.59 -24.67 4.18
CA MET A 19 -7.29 -25.10 5.36
C MET A 19 -8.36 -26.13 4.98
N GLU A 20 -9.12 -25.85 3.92
CA GLU A 20 -10.16 -26.77 3.44
C GLU A 20 -9.59 -28.05 2.74
N GLU A 21 -8.45 -27.92 2.07
CA GLU A 21 -7.69 -29.12 1.61
C GLU A 21 -7.20 -29.98 2.77
N GLY A 22 -6.74 -29.29 3.82
CA GLY A 22 -6.23 -29.97 5.00
C GLY A 22 -7.29 -30.79 5.69
N ARG A 23 -8.50 -30.25 5.77
CA ARG A 23 -9.60 -30.93 6.43
C ARG A 23 -10.16 -32.07 5.58
N LYS A 24 -10.10 -31.91 4.26
CA LYS A 24 -10.44 -33.03 3.35
C LYS A 24 -9.39 -34.15 3.42
N ALA A 25 -8.16 -33.79 3.76
CA ALA A 25 -7.09 -34.77 3.94
C ALA A 25 -6.94 -35.14 5.41
N ARG A 26 -7.82 -34.56 6.24
CA ARG A 26 -7.86 -34.79 7.69
C ARG A 26 -6.53 -34.56 8.39
N GLY A 27 -5.73 -33.67 7.82
CA GLY A 27 -4.37 -33.40 8.30
C GLY A 27 -4.27 -32.69 9.64
N THR A 28 -3.07 -32.71 10.20
CA THR A 28 -2.79 -32.15 11.50
C THR A 28 -2.69 -30.60 11.49
N GLY A 29 -2.54 -30.04 10.29
CA GLY A 29 -2.42 -28.59 10.11
C GLY A 29 -1.00 -28.12 9.92
N GLU A 30 -0.05 -29.03 10.07
CA GLU A 30 1.35 -28.66 10.03
C GLU A 30 1.83 -28.14 8.65
N LEU A 31 1.37 -28.77 7.57
CA LEU A 31 1.63 -28.25 6.21
C LEU A 31 0.89 -26.92 5.96
N THR A 32 -0.25 -26.71 6.61
CA THR A 32 -0.94 -25.41 6.51
C THR A 32 -0.12 -24.31 7.17
N GLN A 33 0.40 -24.61 8.36
CA GLN A 33 1.28 -23.69 9.06
C GLN A 33 2.52 -23.34 8.22
N LEU A 34 3.13 -24.36 7.63
CA LEU A 34 4.23 -24.22 6.69
C LEU A 34 3.84 -23.25 5.56
N LEU A 35 2.77 -23.57 4.85
CA LEU A 35 2.32 -22.75 3.73
C LEU A 35 1.93 -21.31 4.15
N ASN A 36 1.13 -21.19 5.21
CA ASN A 36 0.83 -19.89 5.84
C ASN A 36 2.12 -19.08 6.04
N SER A 37 3.09 -19.69 6.69
CA SER A 37 4.38 -19.02 6.92
C SER A 37 5.04 -18.59 5.64
N LEU A 38 4.95 -19.43 4.61
CA LEU A 38 5.62 -19.18 3.36
C LEU A 38 4.95 -18.02 2.64
N CYS A 39 3.62 -17.95 2.73
CA CYS A 39 2.89 -16.83 2.12
C CYS A 39 3.19 -15.49 2.79
N THR A 40 3.43 -15.50 4.09
CA THR A 40 3.81 -14.29 4.80
C THR A 40 5.14 -13.76 4.27
N ALA A 41 6.09 -14.69 4.07
CA ALA A 41 7.42 -14.35 3.55
C ALA A 41 7.31 -13.78 2.16
N VAL A 42 6.45 -14.38 1.33
CA VAL A 42 6.24 -13.94 -0.07
C VAL A 42 5.63 -12.57 -0.19
N LYS A 43 4.71 -12.24 0.73
CA LYS A 43 4.13 -10.89 0.74
C LYS A 43 5.23 -9.89 1.09
N ALA A 44 6.08 -10.28 2.05
CA ALA A 44 7.21 -9.43 2.43
C ALA A 44 8.25 -9.34 1.34
N ILE A 45 8.51 -10.43 0.63
CA ILE A 45 9.40 -10.35 -0.52
C ILE A 45 8.79 -9.43 -1.61
N SER A 46 7.54 -9.67 -1.97
CA SER A 46 6.86 -8.81 -2.90
C SER A 46 6.99 -7.33 -2.53
N SER A 47 6.73 -7.01 -1.27
CA SER A 47 6.76 -5.63 -0.85
C SER A 47 8.17 -5.03 -1.04
N ALA A 48 9.20 -5.79 -0.69
CA ALA A 48 10.60 -5.32 -0.85
C ALA A 48 10.95 -5.14 -2.32
N VAL A 49 10.61 -6.15 -3.11
CA VAL A 49 10.80 -6.16 -4.57
C VAL A 49 10.13 -4.99 -5.26
N ARG A 50 8.91 -4.63 -4.86
CA ARG A 50 8.25 -3.45 -5.47
C ARG A 50 8.80 -2.13 -4.94
N LYS A 51 9.78 -2.23 -4.05
CA LYS A 51 10.57 -1.05 -3.56
C LYS A 51 9.83 -0.14 -2.62
N ALA A 52 8.97 -0.73 -1.78
CA ALA A 52 8.40 -0.05 -0.65
C ALA A 52 9.50 0.41 0.27
N GLY A 53 9.47 1.70 0.62
CA GLY A 53 10.47 2.26 1.49
C GLY A 53 11.73 2.73 0.79
N ILE A 54 11.84 2.54 -0.53
CA ILE A 54 13.04 2.96 -1.26
C ILE A 54 13.42 4.43 -1.00
N ALA A 55 12.42 5.27 -0.75
CA ALA A 55 12.64 6.68 -0.40
C ALA A 55 13.54 6.86 0.81
N HIS A 56 13.53 5.89 1.72
CA HIS A 56 14.38 5.98 2.88
C HIS A 56 15.84 5.71 2.56
N LEU A 57 16.08 4.87 1.56
CA LEU A 57 17.46 4.70 1.08
C LEU A 57 18.03 5.91 0.36
N TYR A 58 17.14 6.76 -0.16
CA TYR A 58 17.61 7.85 -0.97
C TYR A 58 17.54 9.17 -0.20
N GLY A 59 17.39 9.06 1.11
CA GLY A 59 17.56 10.18 2.02
C GLY A 59 16.37 11.08 2.31
N ILE A 60 15.16 10.56 2.15
CA ILE A 60 13.94 11.33 2.43
C ILE A 60 13.93 11.87 3.86
N ALA A 61 14.47 11.09 4.80
CA ALA A 61 14.55 11.51 6.22
C ALA A 61 15.96 11.97 6.61
N GLY A 62 16.77 12.24 5.58
CA GLY A 62 18.15 12.67 5.78
C GLY A 62 19.10 11.51 5.54
N VAL A 71 18.89 -2.01 3.72
CA VAL A 71 20.22 -1.87 3.12
C VAL A 71 20.63 -3.18 2.41
N LYS A 72 20.13 -4.29 2.90
CA LYS A 72 20.44 -5.60 2.36
C LYS A 72 20.02 -5.73 0.90
N LYS A 73 20.81 -6.44 0.10
CA LYS A 73 20.36 -6.80 -1.25
C LYS A 73 19.11 -7.65 -1.15
N LEU A 74 18.25 -7.55 -2.15
CA LEU A 74 16.97 -8.23 -2.09
C LEU A 74 17.06 -9.73 -1.99
N ASP A 75 18.06 -10.35 -2.60
CA ASP A 75 18.15 -11.82 -2.56
C ASP A 75 18.60 -12.31 -1.17
N VAL A 76 19.36 -11.47 -0.49
CA VAL A 76 19.71 -11.68 0.91
C VAL A 76 18.48 -11.43 1.83
N LEU A 77 17.71 -10.38 1.56
CA LEU A 77 16.54 -10.13 2.37
C LEU A 77 15.54 -11.28 2.20
N SER A 78 15.41 -11.75 0.96
CA SER A 78 14.48 -12.82 0.57
C SER A 78 14.81 -14.14 1.28
N ASN A 79 16.07 -14.51 1.22
CA ASN A 79 16.54 -15.68 1.96
C ASN A 79 16.23 -15.54 3.45
N ASP A 80 16.55 -14.37 4.02
CA ASP A 80 16.31 -14.11 5.47
C ASP A 80 14.84 -14.31 5.84
N LEU A 81 13.94 -13.80 5.01
CA LEU A 81 12.49 -13.91 5.18
C LEU A 81 11.97 -15.36 5.12
N VAL A 82 12.31 -16.10 4.05
CA VAL A 82 11.87 -17.47 3.91
C VAL A 82 12.42 -18.33 5.04
N MET A 83 13.74 -18.26 5.22
CA MET A 83 14.38 -19.03 6.31
C MET A 83 13.67 -18.78 7.62
N ASN A 84 13.49 -17.50 7.94
CA ASN A 84 12.93 -17.14 9.23
C ASN A 84 11.45 -17.55 9.36
N MET A 85 10.64 -17.23 8.36
CA MET A 85 9.22 -17.64 8.43
C MET A 85 9.08 -19.17 8.50
N LEU A 86 9.83 -19.87 7.66
CA LEU A 86 9.82 -21.35 7.65
C LEU A 86 10.32 -21.97 8.96
N LYS A 87 11.40 -21.45 9.54
CA LYS A 87 11.85 -21.98 10.85
C LYS A 87 10.81 -21.81 11.93
N SER A 88 10.08 -20.70 11.88
CA SER A 88 9.22 -20.35 12.99
C SER A 88 7.83 -20.93 12.82
N SER A 89 7.66 -21.74 11.78
CA SER A 89 6.37 -22.30 11.44
C SER A 89 6.10 -23.55 12.28
N PHE A 90 7.17 -23.99 12.95
CA PHE A 90 7.24 -25.21 13.74
C PHE A 90 7.00 -26.45 12.89
N ALA A 91 7.05 -26.27 11.57
CA ALA A 91 6.68 -27.31 10.61
C ALA A 91 7.85 -27.88 9.77
N THR A 92 9.06 -27.36 9.95
CA THR A 92 10.18 -27.81 9.11
C THR A 92 11.34 -28.36 9.95
N CYS A 93 12.16 -29.23 9.34
CA CYS A 93 13.38 -29.70 10.02
C CYS A 93 14.67 -29.47 9.22
N VAL A 94 14.57 -29.54 7.89
CA VAL A 94 15.71 -29.33 7.00
C VAL A 94 15.34 -28.32 5.91
N LEU A 95 16.21 -27.32 5.72
CA LEU A 95 15.96 -26.29 4.74
C LEU A 95 17.16 -26.20 3.84
N VAL A 96 16.94 -26.35 2.54
CA VAL A 96 17.95 -26.08 1.57
C VAL A 96 17.54 -24.83 0.79
N SER A 97 18.48 -23.90 0.64
CA SER A 97 18.24 -22.68 -0.10
C SER A 97 19.40 -22.43 -1.02
N GLU A 98 19.11 -21.76 -2.14
CA GLU A 98 20.11 -21.44 -3.14
C GLU A 98 21.27 -20.70 -2.48
N GLU A 99 20.96 -19.95 -1.41
CA GLU A 99 21.93 -19.06 -0.78
C GLU A 99 22.97 -19.76 0.05
N ASP A 100 22.60 -20.89 0.61
CA ASP A 100 23.44 -21.51 1.63
C ASP A 100 24.11 -22.79 1.14
N LYS A 101 25.43 -22.86 1.33
CA LYS A 101 26.20 -24.01 0.89
C LYS A 101 25.71 -25.34 1.48
N HIS A 102 25.34 -25.32 2.75
CA HIS A 102 24.82 -26.52 3.43
C HIS A 102 23.38 -26.38 3.86
N ALA A 103 22.71 -27.51 4.00
CA ALA A 103 21.37 -27.55 4.53
C ALA A 103 21.37 -26.86 5.88
N ILE A 104 20.29 -26.15 6.18
CA ILE A 104 20.07 -25.63 7.53
C ILE A 104 19.24 -26.64 8.34
N ILE A 105 19.71 -26.97 9.54
CA ILE A 105 19.01 -27.92 10.37
C ILE A 105 18.22 -27.11 11.39
N VAL A 106 16.91 -27.24 11.39
CA VAL A 106 16.10 -26.44 12.29
C VAL A 106 16.34 -26.90 13.72
N GLU A 107 16.48 -25.93 14.61
CA GLU A 107 16.77 -26.20 16.01
C GLU A 107 15.63 -27.04 16.60
N PRO A 108 15.99 -27.94 17.51
CA PRO A 108 15.10 -28.93 18.10
C PRO A 108 13.76 -28.37 18.49
N GLU A 109 13.76 -27.24 19.17
CA GLU A 109 12.53 -26.68 19.72
C GLU A 109 11.56 -26.26 18.61
N LYS A 110 12.10 -26.06 17.41
CA LYS A 110 11.33 -25.56 16.28
C LYS A 110 11.02 -26.61 15.21
N ARG A 111 11.58 -27.81 15.37
CA ARG A 111 11.49 -28.84 14.31
C ARG A 111 10.07 -29.29 13.97
N GLY A 112 9.84 -29.52 12.68
CA GLY A 112 8.61 -30.15 12.23
C GLY A 112 9.00 -31.24 11.25
N LYS A 113 8.00 -31.84 10.59
CA LYS A 113 8.29 -33.02 9.80
C LYS A 113 8.75 -32.72 8.38
N TYR A 114 8.67 -31.47 7.94
CA TYR A 114 8.85 -31.19 6.51
C TYR A 114 10.23 -30.68 6.11
N VAL A 115 10.60 -30.97 4.87
CA VAL A 115 11.86 -30.52 4.31
C VAL A 115 11.53 -29.51 3.21
N VAL A 116 12.17 -28.35 3.22
CA VAL A 116 11.90 -27.39 2.16
C VAL A 116 13.15 -27.01 1.39
N CYS A 117 13.07 -27.15 0.07
CA CYS A 117 14.12 -26.60 -0.77
C CYS A 117 13.52 -25.39 -1.50
N PHE A 118 14.22 -24.27 -1.46
CA PHE A 118 13.69 -23.07 -2.11
C PHE A 118 14.80 -22.20 -2.69
N ASP A 119 14.40 -21.43 -3.69
CA ASP A 119 15.19 -20.39 -4.30
C ASP A 119 14.44 -19.10 -4.00
N PRO A 120 14.98 -18.29 -3.10
CA PRO A 120 14.27 -17.17 -2.50
C PRO A 120 13.94 -16.03 -3.44
N LEU A 121 14.89 -15.64 -4.29
CA LEU A 121 14.67 -14.61 -5.29
C LEU A 121 15.38 -15.00 -6.59
N ASP A 122 14.84 -16.04 -7.21
CA ASP A 122 15.32 -16.53 -8.49
C ASP A 122 15.24 -15.45 -9.57
N GLY A 123 16.35 -15.24 -10.26
CA GLY A 123 16.40 -14.26 -11.34
C GLY A 123 16.93 -12.91 -10.91
N SER A 124 17.33 -12.78 -9.65
CA SER A 124 17.61 -11.47 -9.06
C SER A 124 18.98 -10.91 -9.46
N SER A 125 19.73 -11.68 -10.24
CA SER A 125 21.06 -11.24 -10.67
C SER A 125 20.88 -10.02 -11.58
N ASN A 126 19.85 -10.09 -12.43
CA ASN A 126 19.49 -9.03 -13.37
C ASN A 126 18.42 -8.03 -12.83
N ILE A 127 18.04 -8.16 -11.57
CA ILE A 127 16.96 -7.35 -10.97
C ILE A 127 17.10 -5.85 -11.22
N ASP A 128 18.33 -5.42 -11.48
CA ASP A 128 18.63 -4.02 -11.75
C ASP A 128 17.91 -3.46 -12.99
N CYS A 129 17.45 -4.35 -13.86
CA CYS A 129 16.65 -3.94 -15.02
C CYS A 129 15.14 -4.17 -14.84
N LEU A 130 14.75 -4.46 -13.60
CA LEU A 130 13.36 -4.66 -13.20
C LEU A 130 12.70 -5.86 -13.84
N VAL A 131 13.54 -6.81 -14.28
CA VAL A 131 13.10 -8.10 -14.81
C VAL A 131 12.15 -8.78 -13.82
N SER A 132 11.23 -9.59 -14.32
CA SER A 132 10.44 -10.43 -13.40
C SER A 132 11.37 -11.31 -12.57
N VAL A 133 11.11 -11.38 -11.28
CA VAL A 133 11.86 -12.32 -10.43
C VAL A 133 10.85 -13.16 -9.67
N GLY A 134 11.32 -14.08 -8.81
CA GLY A 134 10.41 -15.01 -8.18
C GLY A 134 11.04 -15.88 -7.12
N THR A 135 10.19 -16.64 -6.44
CA THR A 135 10.59 -17.46 -5.32
C THR A 135 10.06 -18.83 -5.73
N ILE A 136 10.90 -19.86 -5.61
CA ILE A 136 10.46 -21.21 -6.00
C ILE A 136 10.64 -22.04 -4.77
N PHE A 137 9.78 -23.02 -4.57
CA PHE A 137 9.91 -23.83 -3.38
C PHE A 137 9.35 -25.23 -3.65
N GLY A 138 9.86 -26.20 -2.89
CA GLY A 138 9.40 -27.59 -3.05
C GLY A 138 9.46 -28.18 -1.68
N ILE A 139 8.42 -28.90 -1.28
CA ILE A 139 8.27 -29.38 0.09
C ILE A 139 8.21 -30.92 0.13
N TYR A 140 8.96 -31.52 1.07
CA TYR A 140 9.04 -32.97 1.25
C TYR A 140 8.72 -33.33 2.68
N ARG A 141 8.30 -34.58 2.91
CA ARG A 141 8.30 -35.15 4.26
C ARG A 141 9.66 -35.81 4.52
N LYS A 142 10.22 -35.56 5.71
CA LYS A 142 11.45 -36.22 6.13
C LYS A 142 11.18 -37.72 6.11
N LYS A 143 11.99 -38.48 5.38
CA LYS A 143 11.72 -39.92 5.25
C LYS A 143 12.33 -40.77 6.37
N SER A 144 13.59 -40.53 6.64
CA SER A 144 14.36 -41.28 7.64
C SER A 144 13.90 -41.02 9.06
N THR A 145 14.22 -41.94 9.96
CA THR A 145 13.98 -41.78 11.40
C THR A 145 15.23 -41.14 12.04
N ASP A 146 16.32 -41.06 11.25
CA ASP A 146 17.56 -40.44 11.69
C ASP A 146 17.35 -39.01 12.16
N GLU A 147 18.36 -38.46 12.82
CA GLU A 147 18.33 -37.06 13.16
C GLU A 147 18.31 -36.30 11.85
N PRO A 148 17.57 -35.17 11.80
CA PRO A 148 17.57 -34.46 10.52
C PRO A 148 18.99 -34.07 10.09
N SER A 149 19.25 -34.13 8.79
CA SER A 149 20.57 -33.89 8.23
C SER A 149 20.42 -33.51 6.75
N GLU A 150 21.53 -33.33 6.05
CA GLU A 150 21.48 -32.88 4.64
C GLU A 150 20.91 -33.97 3.74
N LYS A 151 20.99 -35.20 4.22
CA LYS A 151 20.55 -36.37 3.46
C LYS A 151 19.07 -36.31 3.16
N ASP A 152 18.30 -35.68 4.07
CA ASP A 152 16.84 -35.71 4.01
C ASP A 152 16.33 -34.85 2.88
N ALA A 153 17.22 -34.05 2.31
CA ALA A 153 16.89 -33.18 1.19
C ALA A 153 17.14 -33.88 -0.13
N LEU A 154 17.78 -35.06 -0.07
CA LEU A 154 18.24 -35.74 -1.28
C LEU A 154 17.22 -36.78 -1.73
N GLN A 155 16.04 -36.26 -2.04
CA GLN A 155 14.92 -37.06 -2.49
C GLN A 155 14.66 -36.68 -3.94
N PRO A 156 14.24 -37.66 -4.77
CA PRO A 156 13.87 -37.31 -6.12
C PRO A 156 12.57 -36.55 -6.08
N GLY A 157 12.33 -35.70 -7.06
CA GLY A 157 11.17 -34.84 -7.04
C GLY A 157 9.83 -35.56 -6.99
N ARG A 158 9.79 -36.83 -7.43
CA ARG A 158 8.58 -37.68 -7.31
C ARG A 158 8.02 -37.59 -5.92
N ASN A 159 8.91 -37.50 -4.93
CA ASN A 159 8.54 -37.48 -3.53
C ASN A 159 7.98 -36.14 -3.03
N LEU A 160 7.70 -35.20 -3.91
CA LEU A 160 7.20 -33.88 -3.46
C LEU A 160 5.76 -33.93 -2.90
N VAL A 161 5.55 -33.24 -1.79
CA VAL A 161 4.24 -33.09 -1.14
C VAL A 161 3.50 -31.89 -1.77
N ALA A 162 4.27 -30.85 -2.08
CA ALA A 162 3.75 -29.61 -2.64
C ALA A 162 4.94 -28.88 -3.20
N ALA A 163 4.72 -28.07 -4.24
CA ALA A 163 5.79 -27.24 -4.81
C ALA A 163 5.17 -26.03 -5.48
N GLY A 164 5.98 -25.04 -5.78
CA GLY A 164 5.44 -23.94 -6.55
C GLY A 164 6.37 -22.76 -6.61
N TYR A 165 5.81 -21.62 -6.96
CA TYR A 165 6.56 -20.39 -7.05
C TYR A 165 5.71 -19.17 -6.79
N ALA A 166 6.37 -18.07 -6.43
CA ALA A 166 5.75 -16.78 -6.43
C ALA A 166 6.42 -16.05 -7.57
N LEU A 167 5.62 -15.49 -8.45
CA LEU A 167 6.13 -14.60 -9.48
C LEU A 167 5.86 -13.16 -9.07
N TYR A 168 6.94 -12.41 -8.86
CA TYR A 168 6.86 -10.96 -8.78
C TYR A 168 7.03 -10.38 -10.21
N GLY A 169 5.92 -10.27 -10.94
CA GLY A 169 5.89 -9.58 -12.24
C GLY A 169 5.08 -8.30 -12.26
N SER A 170 4.31 -8.09 -13.32
CA SER A 170 3.35 -6.97 -13.37
C SER A 170 2.41 -7.01 -12.12
N ALA A 171 2.11 -8.22 -11.65
CA ALA A 171 1.44 -8.49 -10.39
C ALA A 171 2.15 -9.68 -9.74
N THR A 172 1.90 -9.84 -8.45
CA THR A 172 2.47 -10.96 -7.75
C THR A 172 1.45 -12.09 -7.72
N MET A 173 1.91 -13.26 -8.16
CA MET A 173 1.07 -14.47 -8.17
C MET A 173 1.79 -15.63 -7.47
N LEU A 174 1.03 -16.41 -6.71
CA LEU A 174 1.50 -17.66 -6.15
C LEU A 174 0.79 -18.80 -6.86
N VAL A 175 1.59 -19.59 -7.58
CA VAL A 175 1.19 -20.83 -8.15
C VAL A 175 1.55 -22.00 -7.20
N LEU A 176 0.53 -22.66 -6.66
CA LEU A 176 0.68 -23.81 -5.78
C LEU A 176 0.21 -25.11 -6.43
N ALA A 177 1.06 -26.11 -6.39
CA ALA A 177 0.76 -27.42 -6.97
C ALA A 177 0.93 -28.49 -5.90
N MET A 178 -0.11 -29.28 -5.69
CA MET A 178 -0.08 -30.40 -4.76
C MET A 178 -0.82 -31.50 -5.47
N ASP A 179 -1.06 -32.60 -4.75
CA ASP A 179 -1.82 -33.70 -5.33
C ASP A 179 -3.14 -33.27 -5.99
N CYS A 180 -3.81 -32.27 -5.42
CA CYS A 180 -5.09 -31.79 -5.95
C CYS A 180 -4.98 -31.08 -7.30
N GLY A 181 -3.76 -30.77 -7.74
CA GLY A 181 -3.59 -30.08 -9.01
C GLY A 181 -2.93 -28.73 -8.78
N VAL A 182 -3.01 -27.88 -9.80
CA VAL A 182 -2.33 -26.57 -9.74
C VAL A 182 -3.33 -25.44 -9.53
N ASN A 183 -3.10 -24.62 -8.52
CA ASN A 183 -3.95 -23.45 -8.27
C ASN A 183 -3.15 -22.16 -8.19
N CYS A 184 -3.70 -21.11 -8.77
CA CYS A 184 -3.03 -19.83 -8.94
C CYS A 184 -3.75 -18.73 -8.17
N PHE A 185 -2.97 -17.98 -7.40
CA PHE A 185 -3.49 -17.05 -6.41
C PHE A 185 -2.86 -15.70 -6.64
N MET A 186 -3.69 -14.71 -6.94
CA MET A 186 -3.25 -13.34 -7.14
C MET A 186 -3.10 -12.65 -5.80
N LEU A 187 -1.96 -12.01 -5.58
CA LEU A 187 -1.77 -11.25 -4.36
C LEU A 187 -2.47 -9.89 -4.54
N ASP A 188 -3.41 -9.57 -3.66
CA ASP A 188 -4.05 -8.24 -3.61
C ASP A 188 -3.26 -7.44 -2.63
N PRO A 189 -2.45 -6.49 -3.13
CA PRO A 189 -1.61 -5.71 -2.19
C PRO A 189 -2.39 -4.75 -1.30
N ALA A 190 -3.60 -4.36 -1.69
CA ALA A 190 -4.43 -3.51 -0.80
C ALA A 190 -4.69 -4.17 0.55
N ILE A 191 -4.84 -5.50 0.56
CA ILE A 191 -5.19 -6.27 1.76
C ILE A 191 -4.28 -7.42 2.16
N GLY A 192 -3.20 -7.63 1.43
CA GLY A 192 -2.27 -8.71 1.75
C GLY A 192 -2.92 -10.08 1.75
N GLU A 193 -3.75 -10.34 0.75
CA GLU A 193 -4.32 -11.66 0.61
C GLU A 193 -4.00 -12.21 -0.76
N PHE A 194 -3.78 -13.53 -0.82
CA PHE A 194 -3.71 -14.23 -2.07
C PHE A 194 -5.07 -14.81 -2.46
N ILE A 195 -5.59 -14.41 -3.62
CA ILE A 195 -6.97 -14.69 -4.02
C ILE A 195 -6.90 -15.72 -5.13
N LEU A 196 -7.63 -16.82 -4.97
CA LEU A 196 -7.62 -17.88 -5.96
C LEU A 196 -8.32 -17.36 -7.21
N VAL A 197 -7.58 -17.33 -8.33
CA VAL A 197 -8.08 -16.74 -9.54
C VAL A 197 -8.15 -17.74 -10.69
N ASP A 198 -7.25 -18.74 -10.70
CA ASP A 198 -7.26 -19.82 -11.69
C ASP A 198 -7.19 -21.16 -10.99
N LYS A 199 -8.22 -21.99 -11.15
CA LYS A 199 -8.30 -23.24 -10.40
C LYS A 199 -7.99 -24.49 -11.23
N ASP A 200 -7.39 -25.48 -10.60
CA ASP A 200 -7.04 -26.75 -11.25
C ASP A 200 -6.51 -26.53 -12.64
N VAL A 201 -5.39 -25.83 -12.70
CA VAL A 201 -4.86 -25.33 -13.96
C VAL A 201 -4.13 -26.42 -14.73
N LYS A 202 -4.43 -26.50 -16.03
CA LYS A 202 -3.77 -27.45 -16.92
C LYS A 202 -3.11 -26.71 -18.07
N ILE A 203 -1.94 -27.17 -18.51
CA ILE A 203 -1.27 -26.56 -19.66
C ILE A 203 -1.82 -27.10 -21.00
N LYS A 204 -1.71 -26.31 -22.06
CA LYS A 204 -2.05 -26.70 -23.45
C LYS A 204 -1.31 -27.96 -23.88
N LYS A 205 -1.97 -28.78 -24.67
CA LYS A 205 -1.31 -29.98 -25.18
C LYS A 205 -0.13 -29.62 -26.09
N LYS A 206 -0.29 -28.57 -26.87
CA LYS A 206 0.74 -28.08 -27.76
C LYS A 206 0.69 -26.56 -27.79
N GLY A 207 1.86 -25.92 -27.67
CA GLY A 207 1.94 -24.47 -27.67
C GLY A 207 2.59 -23.96 -28.95
N LYS A 208 2.83 -22.65 -28.99
CA LYS A 208 3.27 -21.94 -30.18
C LYS A 208 4.44 -20.98 -29.89
N ILE A 209 5.10 -21.21 -28.76
CA ILE A 209 6.26 -20.42 -28.36
C ILE A 209 7.34 -21.37 -27.85
N TYR A 210 8.60 -21.02 -28.10
CA TYR A 210 9.70 -21.78 -27.57
C TYR A 210 10.60 -20.82 -26.84
N SER A 211 11.27 -21.32 -25.80
CA SER A 211 11.97 -20.42 -24.92
C SER A 211 13.32 -21.00 -24.49
N LEU A 212 14.40 -20.31 -24.86
CA LEU A 212 15.77 -20.64 -24.44
C LEU A 212 16.73 -19.52 -24.83
N ASN A 213 17.93 -19.49 -24.26
CA ASN A 213 18.96 -18.54 -24.72
C ASN A 213 19.65 -19.02 -26.00
N GLU A 214 19.10 -18.59 -27.13
CA GLU A 214 19.66 -18.88 -28.44
C GLU A 214 21.02 -18.25 -28.71
N GLY A 215 21.36 -17.21 -27.97
CA GLY A 215 22.63 -16.53 -28.15
C GLY A 215 23.82 -17.44 -27.97
N TYR A 216 23.63 -18.55 -27.25
CA TYR A 216 24.71 -19.51 -27.07
C TYR A 216 24.57 -20.70 -28.01
N ALA A 217 24.08 -20.41 -29.21
CA ALA A 217 23.83 -21.41 -30.24
C ALA A 217 25.04 -22.27 -30.56
N LYS A 218 26.23 -21.63 -30.62
CA LYS A 218 27.45 -22.33 -31.01
C LYS A 218 27.79 -23.49 -30.08
N ASP A 219 27.27 -23.46 -28.85
CA ASP A 219 27.50 -24.55 -27.90
C ASP A 219 26.31 -25.52 -27.77
N PHE A 220 25.28 -25.30 -28.57
CA PHE A 220 24.06 -26.11 -28.52
C PHE A 220 24.33 -27.56 -28.79
N ASP A 221 23.58 -28.41 -28.12
CA ASP A 221 23.50 -29.81 -28.50
C ASP A 221 22.89 -29.97 -29.90
N PRO A 222 23.46 -30.85 -30.75
CA PRO A 222 22.91 -31.03 -32.11
C PRO A 222 21.42 -31.40 -32.10
N ALA A 223 20.96 -31.99 -31.01
CA ALA A 223 19.55 -32.31 -30.83
C ALA A 223 18.73 -31.02 -30.60
N VAL A 224 19.27 -30.15 -29.75
CA VAL A 224 18.63 -28.87 -29.45
C VAL A 224 18.68 -27.96 -30.67
N THR A 225 19.81 -27.98 -31.37
CA THR A 225 19.94 -27.23 -32.60
C THR A 225 18.87 -27.64 -33.62
N GLU A 226 18.71 -28.95 -33.78
CA GLU A 226 17.74 -29.46 -34.74
C GLU A 226 16.33 -29.05 -34.34
N TYR A 227 16.01 -29.18 -33.06
CA TYR A 227 14.67 -28.83 -32.59
C TYR A 227 14.31 -27.34 -32.81
N ILE A 228 15.23 -26.47 -32.47
CA ILE A 228 15.00 -25.05 -32.60
C ILE A 228 14.86 -24.72 -34.09
N GLN A 229 15.64 -25.37 -34.93
CA GLN A 229 15.46 -25.25 -36.37
C GLN A 229 14.06 -25.68 -36.84
N ARG A 230 13.51 -26.74 -36.24
CA ARG A 230 12.17 -27.20 -36.60
C ARG A 230 11.15 -26.14 -36.25
N LYS A 231 11.40 -25.45 -35.14
CA LYS A 231 10.52 -24.43 -34.63
C LYS A 231 10.58 -23.18 -35.48
N LYS A 232 11.77 -22.85 -35.98
CA LYS A 232 11.92 -21.66 -36.79
C LYS A 232 11.63 -21.90 -38.28
N PHE A 233 11.83 -23.14 -38.74
CA PHE A 233 11.66 -23.52 -40.14
C PHE A 233 10.96 -24.84 -40.22
N PRO A 234 9.64 -24.85 -39.98
CA PRO A 234 8.87 -26.09 -39.93
C PRO A 234 8.98 -26.83 -41.25
N PRO A 235 9.20 -28.15 -41.22
CA PRO A 235 9.28 -28.87 -42.49
C PRO A 235 7.91 -29.09 -43.15
N ASP A 236 6.83 -28.76 -42.44
CA ASP A 236 5.49 -29.26 -42.79
C ASP A 236 4.42 -28.24 -43.16
N ASN A 237 4.83 -27.01 -43.48
CA ASN A 237 3.86 -25.95 -43.83
C ASN A 237 3.12 -25.32 -42.64
N SER A 238 3.41 -25.73 -41.42
CA SER A 238 2.82 -25.02 -40.28
C SER A 238 3.55 -23.69 -40.03
N ALA A 239 2.90 -22.79 -39.30
CA ALA A 239 3.50 -21.53 -38.90
C ALA A 239 4.67 -21.74 -37.92
N PRO A 240 5.77 -20.98 -38.10
CA PRO A 240 6.89 -21.09 -37.16
C PRO A 240 6.44 -20.60 -35.77
N TYR A 241 7.08 -21.11 -34.72
CA TYR A 241 6.73 -20.70 -33.36
C TYR A 241 7.30 -19.30 -33.11
N GLY A 242 6.68 -18.56 -32.17
CA GLY A 242 7.25 -17.32 -31.73
C GLY A 242 8.29 -17.68 -30.69
N ALA A 243 9.25 -16.79 -30.46
CA ALA A 243 10.21 -16.98 -29.39
C ALA A 243 9.96 -15.96 -28.29
N ARG A 244 10.18 -16.38 -27.04
CA ARG A 244 10.19 -15.50 -25.87
C ARG A 244 11.22 -16.09 -24.94
N TYR A 245 12.13 -15.28 -24.41
CA TYR A 245 13.00 -15.75 -23.32
C TYR A 245 13.29 -14.57 -22.40
N VAL A 246 12.70 -14.59 -21.22
CA VAL A 246 12.80 -13.46 -20.31
C VAL A 246 14.18 -13.46 -19.70
N GLY A 247 14.68 -14.66 -19.39
CA GLY A 247 16.00 -14.75 -18.77
C GLY A 247 15.80 -14.94 -17.27
N SER A 248 14.54 -15.04 -16.84
CA SER A 248 14.23 -15.25 -15.43
C SER A 248 13.31 -16.46 -15.38
N MET A 249 13.83 -17.58 -14.88
CA MET A 249 13.12 -18.88 -14.97
C MET A 249 11.66 -18.82 -14.56
N VAL A 250 11.34 -18.08 -13.52
CA VAL A 250 9.97 -18.11 -12.99
C VAL A 250 9.03 -17.46 -13.98
N ALA A 251 9.46 -16.35 -14.58
CA ALA A 251 8.67 -15.69 -15.63
C ALA A 251 8.44 -16.58 -16.86
N ASP A 252 9.50 -17.23 -17.34
CA ASP A 252 9.38 -18.01 -18.57
C ASP A 252 8.51 -19.23 -18.30
N VAL A 253 8.72 -19.84 -17.14
CA VAL A 253 7.97 -21.06 -16.83
C VAL A 253 6.51 -20.70 -16.64
N HIS A 254 6.25 -19.56 -16.02
CA HIS A 254 4.88 -19.13 -15.86
C HIS A 254 4.21 -18.86 -17.18
N ARG A 255 4.88 -18.19 -18.09
CA ARG A 255 4.31 -17.98 -19.42
C ARG A 255 4.08 -19.32 -20.12
N THR A 256 5.01 -20.26 -19.92
CA THR A 256 4.86 -21.64 -20.45
C THR A 256 3.56 -22.30 -19.95
N LEU A 257 3.29 -22.19 -18.65
CA LEU A 257 2.07 -22.80 -18.07
C LEU A 257 0.79 -22.18 -18.67
N VAL A 258 0.83 -20.86 -18.88
CA VAL A 258 -0.35 -20.08 -19.21
C VAL A 258 -0.68 -20.07 -20.70
N TYR A 259 0.33 -20.01 -21.57
CA TYR A 259 0.11 -19.93 -23.03
C TYR A 259 0.51 -21.23 -23.73
N GLY A 260 1.19 -22.11 -23.00
CA GLY A 260 1.68 -23.34 -23.57
C GLY A 260 2.99 -23.10 -24.29
N GLY A 261 3.62 -24.18 -24.73
CA GLY A 261 4.88 -24.07 -25.42
C GLY A 261 5.92 -24.80 -24.65
N ILE A 262 7.16 -24.36 -24.81
CA ILE A 262 8.30 -25.13 -24.36
C ILE A 262 9.40 -24.19 -23.83
N PHE A 263 9.95 -24.57 -22.69
CA PHE A 263 11.01 -23.83 -22.08
C PHE A 263 12.24 -24.72 -22.05
N LEU A 264 13.39 -24.19 -22.47
CA LEU A 264 14.57 -25.07 -22.43
C LEU A 264 15.77 -24.50 -21.68
N TYR A 265 16.37 -25.34 -20.84
CA TYR A 265 17.73 -25.08 -20.37
C TYR A 265 18.54 -26.37 -20.42
N PRO A 266 18.89 -26.82 -21.63
CA PRO A 266 19.44 -28.15 -21.85
C PRO A 266 20.93 -28.30 -21.59
N ALA A 267 21.36 -29.52 -21.33
CA ALA A 267 22.76 -29.85 -21.19
C ALA A 267 23.48 -29.71 -22.54
N ASN A 268 24.69 -29.16 -22.52
CA ASN A 268 25.55 -29.22 -23.70
C ASN A 268 26.94 -29.79 -23.36
N LYS A 269 27.91 -29.51 -24.24
CA LYS A 269 29.27 -30.05 -24.14
C LYS A 269 30.05 -29.34 -23.04
N LYS A 270 29.90 -28.01 -23.01
CA LYS A 270 30.42 -27.17 -21.95
C LYS A 270 29.74 -27.51 -20.59
N SER A 271 28.49 -27.94 -20.64
CA SER A 271 27.71 -28.20 -19.41
C SER A 271 26.83 -29.45 -19.52
N PRO A 272 27.43 -30.61 -19.23
CA PRO A 272 26.75 -31.91 -19.37
C PRO A 272 25.57 -32.05 -18.43
N ASN A 273 25.52 -31.24 -17.39
CA ASN A 273 24.42 -31.28 -16.44
C ASN A 273 23.55 -30.05 -16.47
N GLY A 274 23.61 -29.29 -17.57
CA GLY A 274 22.80 -28.08 -17.68
C GLY A 274 23.25 -27.07 -16.64
N LYS A 275 22.42 -26.05 -16.41
CA LYS A 275 22.84 -24.97 -15.51
C LYS A 275 21.95 -24.81 -14.31
N LEU A 276 20.64 -24.99 -14.49
CA LEU A 276 19.70 -24.78 -13.37
C LEU A 276 19.88 -25.81 -12.25
N ARG A 277 19.42 -25.51 -11.04
CA ARG A 277 19.64 -26.40 -9.92
C ARG A 277 18.45 -27.31 -9.71
N LEU A 278 18.74 -28.60 -9.58
CA LEU A 278 17.68 -29.59 -9.49
C LEU A 278 16.73 -29.35 -8.32
N LEU A 279 17.26 -29.25 -7.10
CA LEU A 279 16.43 -29.37 -5.88
C LEU A 279 15.47 -28.19 -5.72
N TYR A 280 15.91 -26.99 -6.06
CA TYR A 280 15.11 -25.78 -5.79
C TYR A 280 14.76 -24.94 -7.04
N GLU A 281 15.14 -25.42 -8.21
CA GLU A 281 14.69 -24.82 -9.46
C GLU A 281 13.94 -25.78 -10.38
N CYS A 282 14.63 -26.82 -10.82
CA CYS A 282 14.08 -27.80 -11.75
C CYS A 282 12.94 -28.63 -11.15
N ASN A 283 13.20 -29.22 -9.99
CA ASN A 283 12.19 -30.07 -9.40
C ASN A 283 10.81 -29.42 -9.22
N PRO A 284 10.75 -28.24 -8.57
CA PRO A 284 9.43 -27.64 -8.36
C PRO A 284 8.67 -27.28 -9.66
N MET A 285 9.37 -26.77 -10.67
CA MET A 285 8.72 -26.46 -11.92
C MET A 285 8.30 -27.75 -12.65
N ALA A 286 9.13 -28.79 -12.54
CA ALA A 286 8.78 -30.13 -13.04
C ALA A 286 7.49 -30.62 -12.40
N TYR A 287 7.38 -30.39 -11.10
CA TYR A 287 6.24 -30.89 -10.35
C TYR A 287 5.00 -30.10 -10.70
N VAL A 288 5.15 -28.78 -10.89
CA VAL A 288 4.04 -27.94 -11.28
C VAL A 288 3.63 -28.31 -12.71
N MET A 289 4.60 -28.34 -13.64
CA MET A 289 4.34 -28.82 -15.00
C MET A 289 3.57 -30.12 -14.99
N GLU A 290 4.05 -31.12 -14.26
CA GLU A 290 3.34 -32.44 -14.25
C GLU A 290 1.93 -32.35 -13.72
N LYS A 291 1.73 -31.70 -12.58
CA LYS A 291 0.37 -31.53 -12.05
C LYS A 291 -0.58 -30.76 -13.00
N ALA A 292 -0.02 -29.97 -13.90
CA ALA A 292 -0.80 -29.28 -14.93
C ALA A 292 -0.94 -30.09 -16.24
N GLY A 293 -0.47 -31.33 -16.22
CA GLY A 293 -0.62 -32.21 -17.37
C GLY A 293 0.47 -31.95 -18.41
N GLY A 294 1.58 -31.37 -17.96
CA GLY A 294 2.70 -31.08 -18.85
C GLY A 294 3.85 -32.01 -18.56
N MET A 295 4.98 -31.72 -19.15
CA MET A 295 6.11 -32.61 -19.02
C MET A 295 7.37 -31.86 -18.70
N ALA A 296 8.33 -32.56 -18.11
CA ALA A 296 9.59 -31.98 -17.78
C ALA A 296 10.64 -33.06 -17.82
N THR A 297 11.61 -32.88 -18.71
CA THR A 297 12.64 -33.88 -18.97
C THR A 297 14.04 -33.29 -18.92
N THR A 298 15.02 -34.11 -18.53
CA THR A 298 16.46 -33.73 -18.65
C THR A 298 16.93 -33.95 -20.09
N GLY A 299 16.17 -34.78 -20.81
CA GLY A 299 16.54 -35.23 -22.14
C GLY A 299 16.67 -36.75 -22.13
N LYS A 300 16.93 -37.29 -20.95
CA LYS A 300 17.27 -38.68 -20.77
C LYS A 300 16.26 -39.35 -19.84
N GLU A 301 15.69 -38.55 -18.94
CA GLU A 301 14.71 -39.07 -17.98
C GLU A 301 13.77 -37.95 -17.52
N ALA A 302 12.76 -38.30 -16.74
CA ALA A 302 11.95 -37.28 -16.08
C ALA A 302 12.79 -36.56 -15.05
N VAL A 303 12.70 -35.24 -15.00
CA VAL A 303 13.43 -34.46 -13.99
C VAL A 303 13.05 -34.99 -12.60
N LEU A 304 11.77 -35.26 -12.42
CA LEU A 304 11.26 -35.80 -11.16
C LEU A 304 11.81 -37.18 -10.77
N ASP A 305 12.51 -37.82 -11.70
CA ASP A 305 12.99 -39.17 -11.42
C ASP A 305 14.47 -39.20 -11.07
N VAL A 306 15.13 -38.06 -11.23
CA VAL A 306 16.51 -37.95 -10.86
C VAL A 306 16.65 -38.05 -9.35
N ILE A 307 17.35 -39.08 -8.89
CA ILE A 307 17.73 -39.16 -7.47
C ILE A 307 19.02 -38.36 -7.25
N PRO A 308 18.93 -37.21 -6.55
CA PRO A 308 20.10 -36.33 -6.39
C PRO A 308 21.09 -36.83 -5.33
N THR A 309 22.35 -36.42 -5.46
CA THR A 309 23.41 -36.84 -4.54
C THR A 309 24.12 -35.62 -3.96
N ASP A 310 23.80 -34.47 -4.53
CA ASP A 310 24.31 -33.20 -4.00
C ASP A 310 23.14 -32.22 -4.02
N ILE A 311 22.91 -31.52 -2.91
CA ILE A 311 21.82 -30.54 -2.81
C ILE A 311 21.89 -29.35 -3.78
N HIS A 312 23.10 -29.01 -4.24
CA HIS A 312 23.26 -27.92 -5.19
C HIS A 312 23.65 -28.41 -6.60
N GLN A 313 23.36 -29.67 -6.89
CA GLN A 313 23.69 -30.23 -8.17
C GLN A 313 22.74 -29.66 -9.22
N ARG A 314 23.25 -29.55 -10.44
CA ARG A 314 22.51 -28.99 -11.53
C ARG A 314 21.78 -30.11 -12.28
N ALA A 315 20.79 -29.74 -13.08
CA ALA A 315 20.09 -30.67 -13.94
C ALA A 315 19.60 -29.88 -15.13
N PRO A 316 19.72 -30.47 -16.32
CA PRO A 316 19.10 -29.90 -17.52
C PRO A 316 17.58 -29.92 -17.40
N VAL A 317 16.89 -29.05 -18.13
CA VAL A 317 15.42 -29.08 -18.10
C VAL A 317 14.81 -28.66 -19.43
N ILE A 318 13.90 -29.50 -19.91
CA ILE A 318 13.07 -29.15 -21.07
C ILE A 318 11.65 -29.43 -20.58
N LEU A 319 10.79 -28.43 -20.64
CA LEU A 319 9.49 -28.56 -20.01
C LEU A 319 8.43 -27.76 -20.72
N GLY A 320 7.18 -28.12 -20.46
CA GLY A 320 6.04 -27.42 -21.04
C GLY A 320 5.00 -28.35 -21.59
N SER A 321 4.37 -27.93 -22.68
CA SER A 321 3.28 -28.69 -23.29
C SER A 321 3.79 -30.06 -23.72
N PRO A 322 2.98 -31.13 -23.48
CA PRO A 322 3.40 -32.52 -23.67
C PRO A 322 3.78 -32.83 -25.09
N ASP A 323 3.05 -32.29 -26.08
CA ASP A 323 3.38 -32.53 -27.48
C ASP A 323 4.71 -31.89 -27.83
N ASP A 324 4.98 -30.72 -27.25
CA ASP A 324 6.21 -30.02 -27.57
C ASP A 324 7.38 -30.75 -26.99
N VAL A 325 7.22 -31.29 -25.80
CA VAL A 325 8.31 -31.94 -25.11
C VAL A 325 8.61 -33.30 -25.76
N LEU A 326 7.54 -34.04 -26.04
CA LEU A 326 7.67 -35.30 -26.77
C LEU A 326 8.40 -35.07 -28.10
N GLU A 327 7.99 -34.06 -28.87
CA GLU A 327 8.70 -33.76 -30.12
C GLU A 327 10.20 -33.48 -29.86
N PHE A 328 10.52 -32.81 -28.76
CA PHE A 328 11.91 -32.62 -28.46
C PHE A 328 12.60 -33.97 -28.22
N LEU A 329 11.94 -34.84 -27.45
CA LEU A 329 12.51 -36.14 -27.14
C LEU A 329 12.77 -36.96 -28.40
N LYS A 330 11.83 -36.90 -29.35
CA LYS A 330 11.97 -37.58 -30.63
C LYS A 330 13.26 -37.14 -31.29
N VAL A 331 13.40 -35.84 -31.50
CA VAL A 331 14.64 -35.29 -32.04
C VAL A 331 15.85 -35.78 -31.23
N TYR A 332 15.76 -35.72 -29.90
CA TYR A 332 16.90 -36.02 -29.03
C TYR A 332 17.33 -37.49 -29.11
N GLU A 333 16.34 -38.38 -29.22
CA GLU A 333 16.60 -39.81 -29.27
C GLU A 333 17.12 -40.22 -30.65
N LYS A 334 16.87 -39.37 -31.64
CA LYS A 334 17.35 -39.58 -33.01
C LYS A 334 18.85 -39.30 -33.09
N HIS A 335 19.34 -38.46 -32.18
CA HIS A 335 20.77 -38.22 -32.02
C HIS A 335 21.29 -39.13 -30.91
N SER A 336 20.48 -40.14 -30.58
CA SER A 336 20.72 -41.12 -29.52
C SER A 336 20.74 -40.54 -28.10
N ALA A 337 20.94 -39.34 -27.92
N ASP B 10 20.91 15.43 -1.69
CA ASP B 10 19.51 15.45 -1.17
C ASP B 10 18.63 14.52 -1.99
N VAL B 11 17.65 13.94 -1.30
CA VAL B 11 16.55 13.28 -1.95
C VAL B 11 15.88 14.15 -3.05
N ASN B 12 15.47 13.52 -4.14
CA ASN B 12 14.75 14.26 -5.19
C ASN B 12 13.54 13.45 -5.67
N THR B 13 12.43 14.14 -5.96
CA THR B 13 11.21 13.50 -6.43
C THR B 13 10.93 13.97 -7.86
N LEU B 14 10.14 13.21 -8.62
CA LEU B 14 9.75 13.67 -9.96
C LEU B 14 9.10 15.05 -9.91
N THR B 15 8.17 15.22 -8.97
CA THR B 15 7.47 16.47 -8.73
C THR B 15 8.44 17.62 -8.60
N ARG B 16 9.44 17.44 -7.73
CA ARG B 16 10.44 18.45 -7.47
C ARG B 16 11.44 18.63 -8.61
N PHE B 17 11.90 17.52 -9.19
CA PHE B 17 12.86 17.57 -10.28
C PHE B 17 12.34 18.40 -11.44
N VAL B 18 11.11 18.11 -11.84
CA VAL B 18 10.48 18.73 -12.99
C VAL B 18 10.26 20.23 -12.75
N MET B 19 9.66 20.54 -11.61
CA MET B 19 9.40 21.90 -11.22
C MET B 19 10.70 22.72 -11.22
N GLU B 20 11.80 22.08 -10.81
CA GLU B 20 13.07 22.77 -10.79
C GLU B 20 13.72 22.94 -12.17
N GLU B 21 13.42 22.05 -13.12
CA GLU B 21 13.92 22.23 -14.49
C GLU B 21 13.15 23.38 -15.16
N GLY B 22 11.84 23.42 -14.90
CA GLY B 22 10.95 24.45 -15.42
C GLY B 22 11.29 25.84 -14.92
N ARG B 23 11.74 25.94 -13.68
CA ARG B 23 12.16 27.22 -13.14
C ARG B 23 13.50 27.69 -13.75
N LYS B 24 14.41 26.76 -14.00
CA LYS B 24 15.70 27.06 -14.66
C LYS B 24 15.48 27.56 -16.08
N ALA B 25 14.38 27.09 -16.69
CA ALA B 25 14.05 27.40 -18.06
C ALA B 25 13.16 28.62 -18.13
N ARG B 26 12.68 29.09 -16.97
CA ARG B 26 11.73 30.22 -16.91
C ARG B 26 10.42 29.89 -17.63
N GLY B 27 10.05 28.61 -17.63
CA GLY B 27 8.79 28.16 -18.18
C GLY B 27 7.60 28.66 -17.39
N THR B 28 6.46 28.68 -18.02
CA THR B 28 5.23 29.16 -17.40
C THR B 28 4.57 28.08 -16.50
N GLY B 29 5.11 26.86 -16.52
CA GLY B 29 4.63 25.82 -15.61
C GLY B 29 3.74 24.76 -16.25
N GLU B 30 3.33 24.99 -17.51
CA GLU B 30 2.35 24.12 -18.20
C GLU B 30 2.85 22.70 -18.46
N LEU B 31 4.11 22.57 -18.87
CA LEU B 31 4.70 21.25 -19.05
C LEU B 31 4.75 20.51 -17.72
N THR B 32 5.09 21.24 -16.66
CA THR B 32 5.12 20.66 -15.31
C THR B 32 3.73 20.12 -14.98
N GLN B 33 2.70 20.86 -15.32
CA GLN B 33 1.34 20.41 -15.02
C GLN B 33 1.00 19.16 -15.82
N LEU B 34 1.41 19.14 -17.08
CA LEU B 34 1.30 17.97 -17.91
C LEU B 34 2.00 16.76 -17.27
N LEU B 35 3.29 16.89 -16.96
CA LEU B 35 4.05 15.79 -16.40
C LEU B 35 3.58 15.32 -15.02
N ASN B 36 3.14 16.27 -14.19
CA ASN B 36 2.55 15.90 -12.88
C ASN B 36 1.31 15.04 -13.10
N SER B 37 0.55 15.40 -14.13
CA SER B 37 -0.69 14.73 -14.43
C SER B 37 -0.40 13.33 -14.89
N LEU B 38 0.60 13.18 -15.75
CA LEU B 38 1.07 11.89 -16.27
C LEU B 38 1.59 11.01 -15.13
N CYS B 39 2.45 11.61 -14.31
CA CYS B 39 2.93 11.00 -13.07
C CYS B 39 1.80 10.34 -12.26
N THR B 40 0.75 11.10 -11.95
CA THR B 40 -0.45 10.62 -11.22
C THR B 40 -1.12 9.45 -11.94
N ALA B 41 -1.26 9.58 -13.24
CA ALA B 41 -1.92 8.58 -14.08
C ALA B 41 -1.14 7.26 -13.98
N VAL B 42 0.18 7.39 -14.05
CA VAL B 42 1.09 6.26 -13.98
C VAL B 42 1.00 5.52 -12.64
N LYS B 43 0.92 6.26 -11.53
CA LYS B 43 0.77 5.58 -10.22
C LYS B 43 -0.57 4.82 -10.13
N ALA B 44 -1.59 5.41 -10.73
CA ALA B 44 -2.86 4.78 -10.74
C ALA B 44 -2.86 3.53 -11.65
N ILE B 45 -2.09 3.59 -12.74
CA ILE B 45 -1.93 2.41 -13.60
C ILE B 45 -1.21 1.30 -12.86
N SER B 46 -0.09 1.65 -12.22
CA SER B 46 0.69 0.71 -11.41
C SER B 46 -0.16 -0.01 -10.33
N SER B 47 -0.92 0.76 -9.54
CA SER B 47 -1.82 0.19 -8.53
C SER B 47 -2.75 -0.85 -9.18
N ALA B 48 -3.27 -0.53 -10.37
CA ALA B 48 -4.22 -1.43 -11.10
C ALA B 48 -3.53 -2.67 -11.63
N VAL B 49 -2.37 -2.46 -12.24
CA VAL B 49 -1.51 -3.51 -12.77
C VAL B 49 -1.05 -4.51 -11.68
N ARG B 50 -0.69 -4.02 -10.49
CA ARG B 50 -0.27 -4.88 -9.40
C ARG B 50 -1.47 -5.56 -8.70
N LYS B 51 -2.66 -5.24 -9.21
CA LYS B 51 -3.92 -5.88 -8.83
C LYS B 51 -4.47 -5.51 -7.43
N ALA B 52 -4.23 -4.28 -6.98
CA ALA B 52 -4.91 -3.80 -5.78
C ALA B 52 -6.41 -3.74 -6.01
N GLY B 53 -7.19 -4.32 -5.11
CA GLY B 53 -8.61 -4.27 -5.27
C GLY B 53 -9.21 -5.48 -5.97
N ILE B 54 -8.35 -6.34 -6.53
CA ILE B 54 -8.77 -7.54 -7.26
C ILE B 54 -9.72 -8.44 -6.43
N ALA B 55 -9.53 -8.45 -5.11
CA ALA B 55 -10.42 -9.18 -4.19
C ALA B 55 -11.86 -8.75 -4.37
N HIS B 56 -12.10 -7.49 -4.72
CA HIS B 56 -13.48 -7.02 -4.87
C HIS B 56 -14.11 -7.58 -6.12
N LEU B 57 -13.28 -7.86 -7.13
CA LEU B 57 -13.71 -8.58 -8.32
C LEU B 57 -14.07 -10.04 -8.05
N TYR B 58 -13.46 -10.64 -7.05
CA TYR B 58 -13.73 -12.04 -6.80
C TYR B 58 -14.69 -12.31 -5.64
N GLY B 59 -15.48 -11.30 -5.32
CA GLY B 59 -16.56 -11.46 -4.33
C GLY B 59 -16.20 -11.36 -2.87
N ILE B 60 -15.20 -10.56 -2.52
CA ILE B 60 -14.84 -10.46 -1.13
C ILE B 60 -15.99 -9.85 -0.33
N ALA B 61 -16.72 -8.90 -0.94
CA ALA B 61 -17.91 -8.32 -0.31
C ALA B 61 -19.23 -8.79 -0.93
N GLY B 62 -19.25 -9.99 -1.49
CA GLY B 62 -20.50 -10.60 -1.92
C GLY B 62 -20.83 -10.23 -3.36
N LYS B 73 -9.82 -4.75 -20.22
CA LYS B 73 -10.32 -3.75 -19.29
C LYS B 73 -9.17 -3.00 -18.59
N LEU B 74 -8.08 -3.69 -18.30
CA LEU B 74 -6.88 -3.05 -17.74
C LEU B 74 -6.23 -2.07 -18.74
N ASP B 75 -6.14 -2.46 -20.00
CA ASP B 75 -5.73 -1.53 -21.04
C ASP B 75 -6.76 -0.37 -21.18
N VAL B 76 -8.05 -0.70 -21.10
CA VAL B 76 -9.08 0.35 -21.16
C VAL B 76 -9.00 1.31 -19.96
N LEU B 77 -8.76 0.79 -18.77
CA LEU B 77 -8.62 1.67 -17.59
C LEU B 77 -7.38 2.59 -17.72
N SER B 78 -6.26 2.00 -18.15
CA SER B 78 -5.01 2.72 -18.37
C SER B 78 -5.18 3.88 -19.32
N ASN B 79 -5.82 3.64 -20.45
CA ASN B 79 -6.13 4.68 -21.42
C ASN B 79 -6.94 5.83 -20.79
N ASP B 80 -8.00 5.43 -20.07
CA ASP B 80 -8.88 6.39 -19.36
C ASP B 80 -8.13 7.24 -18.35
N LEU B 81 -7.27 6.60 -17.57
CA LEU B 81 -6.43 7.32 -16.64
C LEU B 81 -5.53 8.33 -17.37
N VAL B 82 -4.85 7.92 -18.45
CA VAL B 82 -3.92 8.88 -19.09
C VAL B 82 -4.69 10.00 -19.78
N MET B 83 -5.74 9.62 -20.50
CA MET B 83 -6.59 10.54 -21.24
C MET B 83 -7.22 11.55 -20.30
N ASN B 84 -7.84 11.05 -19.24
CA ASN B 84 -8.48 11.96 -18.31
C ASN B 84 -7.52 12.89 -17.60
N MET B 85 -6.40 12.34 -17.13
CA MET B 85 -5.41 13.14 -16.42
C MET B 85 -4.79 14.22 -17.32
N LEU B 86 -4.38 13.84 -18.51
CA LEU B 86 -3.89 14.79 -19.51
C LEU B 86 -4.91 15.89 -19.87
N LYS B 87 -6.17 15.53 -20.12
CA LYS B 87 -7.20 16.54 -20.42
C LYS B 87 -7.39 17.59 -19.31
N SER B 88 -7.50 17.13 -18.08
CA SER B 88 -7.69 18.06 -16.98
C SER B 88 -6.40 18.79 -16.57
N SER B 89 -5.28 18.47 -17.26
CA SER B 89 -4.01 19.12 -16.90
C SER B 89 -3.99 20.56 -17.43
N PHE B 90 -4.92 20.83 -18.35
CA PHE B 90 -5.07 22.09 -19.07
C PHE B 90 -3.92 22.36 -20.00
N ALA B 91 -3.06 21.36 -20.18
CA ALA B 91 -1.80 21.53 -20.94
C ALA B 91 -1.78 20.89 -22.34
N THR B 92 -2.85 20.16 -22.70
CA THR B 92 -2.83 19.40 -23.95
C THR B 92 -3.91 19.84 -24.92
N CYS B 93 -3.79 19.41 -26.18
CA CYS B 93 -4.75 19.81 -27.20
C CYS B 93 -5.07 18.69 -28.18
N VAL B 94 -4.12 17.78 -28.35
CA VAL B 94 -4.29 16.64 -29.21
C VAL B 94 -3.69 15.42 -28.56
N LEU B 95 -4.50 14.40 -28.37
CA LEU B 95 -3.99 13.21 -27.70
C LEU B 95 -4.11 12.05 -28.63
N VAL B 96 -2.98 11.39 -28.87
CA VAL B 96 -3.01 10.19 -29.71
C VAL B 96 -2.75 8.96 -28.83
N SER B 97 -3.56 7.94 -28.97
CA SER B 97 -3.40 6.72 -28.18
C SER B 97 -3.45 5.47 -29.05
N GLU B 98 -2.64 4.49 -28.68
CA GLU B 98 -2.74 3.16 -29.26
C GLU B 98 -4.17 2.66 -29.21
N GLU B 99 -4.89 2.97 -28.12
CA GLU B 99 -6.26 2.49 -27.97
C GLU B 99 -7.28 3.13 -28.89
N ASP B 100 -6.96 4.25 -29.54
CA ASP B 100 -7.99 5.03 -30.21
C ASP B 100 -7.73 5.24 -31.69
N LYS B 101 -8.75 5.00 -32.52
CA LYS B 101 -8.59 5.04 -33.96
C LYS B 101 -8.11 6.42 -34.36
N HIS B 102 -8.76 7.44 -33.83
CA HIS B 102 -8.49 8.79 -34.27
C HIS B 102 -7.94 9.57 -33.14
N ALA B 103 -7.24 10.64 -33.45
CA ALA B 103 -6.72 11.53 -32.42
C ALA B 103 -7.87 12.13 -31.65
N ILE B 104 -7.64 12.30 -30.35
CA ILE B 104 -8.57 12.96 -29.46
C ILE B 104 -8.30 14.45 -29.49
N ILE B 105 -9.34 15.23 -29.69
CA ILE B 105 -9.17 16.67 -29.60
C ILE B 105 -9.72 17.20 -28.30
N VAL B 106 -8.84 17.76 -27.49
CA VAL B 106 -9.23 18.29 -26.18
C VAL B 106 -10.19 19.46 -26.34
N GLU B 107 -11.23 19.52 -25.50
CA GLU B 107 -12.27 20.54 -25.65
C GLU B 107 -11.69 21.92 -25.35
N PRO B 108 -12.27 22.96 -25.95
CA PRO B 108 -11.67 24.30 -25.87
C PRO B 108 -11.30 24.76 -24.46
N GLU B 109 -12.17 24.50 -23.48
CA GLU B 109 -11.95 24.97 -22.10
C GLU B 109 -10.81 24.27 -21.37
N LYS B 110 -10.48 23.03 -21.76
CA LYS B 110 -9.37 22.32 -21.12
C LYS B 110 -8.09 22.30 -21.96
N ARG B 111 -8.09 23.10 -23.03
CA ARG B 111 -7.06 23.05 -24.06
C ARG B 111 -5.78 23.80 -23.73
N GLY B 112 -4.63 23.13 -23.91
CA GLY B 112 -3.30 23.73 -23.67
C GLY B 112 -2.44 23.54 -24.90
N LYS B 113 -1.13 23.74 -24.81
CA LYS B 113 -0.34 23.82 -26.04
C LYS B 113 0.39 22.56 -26.49
N TYR B 114 0.16 21.45 -25.79
CA TYR B 114 0.96 20.25 -26.05
C TYR B 114 0.21 19.09 -26.67
N VAL B 115 0.91 18.41 -27.57
CA VAL B 115 0.40 17.15 -28.15
C VAL B 115 1.07 16.01 -27.44
N VAL B 116 0.30 14.96 -27.09
CA VAL B 116 0.88 13.77 -26.47
C VAL B 116 0.38 12.57 -27.25
N CYS B 117 1.31 11.66 -27.58
CA CYS B 117 1.04 10.38 -28.22
C CYS B 117 1.51 9.35 -27.23
N PHE B 118 0.68 8.35 -26.94
CA PHE B 118 1.03 7.42 -25.87
C PHE B 118 0.48 6.01 -26.05
N ASP B 119 1.15 5.06 -25.42
CA ASP B 119 0.66 3.69 -25.33
C ASP B 119 0.43 3.46 -23.84
N PRO B 120 -0.83 3.46 -23.43
CA PRO B 120 -1.15 3.49 -22.01
C PRO B 120 -0.81 2.19 -21.27
N LEU B 121 -0.87 1.06 -21.97
CA LEU B 121 -0.37 -0.21 -21.43
C LEU B 121 0.35 -1.06 -22.47
N ASP B 122 1.57 -0.68 -22.81
CA ASP B 122 2.33 -1.43 -23.80
C ASP B 122 2.58 -2.85 -23.34
N GLY B 123 2.25 -3.81 -24.20
CA GLY B 123 2.54 -5.22 -23.96
C GLY B 123 1.45 -5.99 -23.23
N SER B 124 0.30 -5.35 -23.03
CA SER B 124 -0.79 -5.91 -22.26
C SER B 124 -1.49 -7.09 -22.93
N SER B 125 -1.19 -7.32 -24.21
CA SER B 125 -1.82 -8.45 -24.91
C SER B 125 -1.41 -9.79 -24.28
N ASN B 126 -0.31 -9.78 -23.53
CA ASN B 126 0.18 -10.95 -22.77
C ASN B 126 0.29 -10.75 -21.25
N ILE B 127 -0.33 -9.69 -20.73
CA ILE B 127 -0.37 -9.44 -19.29
C ILE B 127 -1.02 -10.62 -18.50
N ASP B 128 -1.83 -11.39 -19.23
CA ASP B 128 -2.40 -12.65 -18.77
C ASP B 128 -1.32 -13.55 -18.13
N CYS B 129 -0.08 -13.44 -18.60
CA CYS B 129 1.02 -14.21 -18.01
C CYS B 129 1.88 -13.38 -17.06
N LEU B 130 1.43 -12.15 -16.79
CA LEU B 130 2.09 -11.24 -15.82
C LEU B 130 3.43 -10.73 -16.33
N VAL B 131 3.58 -10.71 -17.63
CA VAL B 131 4.76 -10.12 -18.21
C VAL B 131 4.81 -8.66 -17.76
N SER B 132 6.01 -8.08 -17.70
CA SER B 132 6.14 -6.66 -17.45
C SER B 132 5.36 -5.97 -18.56
N VAL B 133 4.64 -4.93 -18.17
CA VAL B 133 3.98 -4.03 -19.10
C VAL B 133 4.49 -2.63 -18.80
N GLY B 134 4.11 -1.67 -19.62
CA GLY B 134 4.61 -0.32 -19.43
C GLY B 134 3.76 0.74 -20.08
N THR B 135 4.02 2.00 -19.75
CA THR B 135 3.35 3.09 -20.46
C THR B 135 4.41 3.80 -21.24
N ILE B 136 4.11 4.17 -22.49
CA ILE B 136 5.04 4.93 -23.31
C ILE B 136 4.43 6.27 -23.71
N PHE B 137 5.20 7.33 -23.60
CA PHE B 137 4.69 8.65 -23.99
C PHE B 137 5.79 9.50 -24.64
N GLY B 138 5.36 10.36 -25.56
CA GLY B 138 6.19 11.37 -26.17
C GLY B 138 5.36 12.62 -26.29
N ILE B 139 5.99 13.77 -26.01
CA ILE B 139 5.28 15.05 -25.97
C ILE B 139 5.78 16.06 -27.01
N TYR B 140 4.84 16.72 -27.69
CA TYR B 140 5.16 17.76 -28.68
C TYR B 140 4.53 19.10 -28.37
N ARG B 141 5.23 20.16 -28.74
CA ARG B 141 4.64 21.50 -28.68
C ARG B 141 3.93 21.79 -29.99
N LYS B 142 2.67 22.20 -29.91
CA LYS B 142 1.97 22.74 -31.06
C LYS B 142 2.34 24.23 -31.24
N LYS B 143 2.86 24.59 -32.40
CA LYS B 143 3.25 25.98 -32.67
C LYS B 143 2.11 26.81 -33.31
N SER B 144 1.52 26.26 -34.38
CA SER B 144 0.49 26.90 -35.19
C SER B 144 -0.67 27.53 -34.41
N THR B 145 -1.32 28.50 -35.05
CA THR B 145 -2.52 29.12 -34.49
C THR B 145 -3.76 28.43 -35.03
N ASP B 146 -3.56 27.33 -35.79
CA ASP B 146 -4.68 26.51 -36.28
C ASP B 146 -5.46 25.86 -35.16
N GLU B 147 -6.75 25.62 -35.40
CA GLU B 147 -7.54 24.75 -34.53
C GLU B 147 -6.82 23.38 -34.47
N PRO B 148 -6.64 22.82 -33.26
CA PRO B 148 -5.96 21.53 -33.16
C PRO B 148 -6.62 20.44 -34.03
N SER B 149 -5.82 19.51 -34.56
CA SER B 149 -6.33 18.44 -35.43
C SER B 149 -5.44 17.25 -35.36
N GLU B 150 -5.91 16.10 -35.84
CA GLU B 150 -5.11 14.89 -35.78
C GLU B 150 -3.69 15.11 -36.33
N LYS B 151 -3.59 15.97 -37.33
CA LYS B 151 -2.34 16.15 -38.05
C LYS B 151 -1.26 16.91 -37.26
N ASP B 152 -1.64 17.53 -36.16
CA ASP B 152 -0.65 18.13 -35.27
C ASP B 152 0.24 17.04 -34.64
N ALA B 153 -0.26 15.81 -34.61
CA ALA B 153 0.54 14.70 -34.09
C ALA B 153 1.53 14.16 -35.15
N LEU B 154 1.32 14.55 -36.41
CA LEU B 154 2.16 14.12 -37.54
C LEU B 154 3.46 14.89 -37.63
N GLN B 155 4.38 14.55 -36.74
CA GLN B 155 5.60 15.32 -36.53
C GLN B 155 6.71 14.31 -36.38
N PRO B 156 7.92 14.65 -36.85
CA PRO B 156 9.05 13.77 -36.62
C PRO B 156 9.46 13.80 -35.17
N GLY B 157 9.97 12.68 -34.68
CA GLY B 157 10.42 12.53 -33.29
C GLY B 157 11.45 13.56 -32.90
N ARG B 158 12.20 14.04 -33.90
CA ARG B 158 13.18 15.11 -33.70
C ARG B 158 12.58 16.31 -33.01
N ASN B 159 11.26 16.46 -33.14
CA ASN B 159 10.52 17.61 -32.59
C ASN B 159 10.05 17.35 -31.16
N LEU B 160 10.31 16.16 -30.61
CA LEU B 160 9.89 15.88 -29.22
C LEU B 160 10.42 16.87 -28.18
N VAL B 161 9.57 17.29 -27.24
CA VAL B 161 10.00 18.13 -26.12
C VAL B 161 10.38 17.24 -24.92
N ALA B 162 9.63 16.16 -24.74
CA ALA B 162 9.92 15.20 -23.69
C ALA B 162 9.33 13.90 -24.12
N ALA B 163 9.87 12.82 -23.57
CA ALA B 163 9.44 11.47 -23.89
C ALA B 163 9.93 10.53 -22.80
N GLY B 164 9.33 9.35 -22.77
CA GLY B 164 9.81 8.34 -21.86
C GLY B 164 8.79 7.26 -21.63
N TYR B 165 8.92 6.58 -20.51
CA TYR B 165 8.08 5.44 -20.22
C TYR B 165 8.04 5.08 -18.75
N ALA B 166 7.02 4.32 -18.36
CA ALA B 166 6.92 3.83 -17.03
C ALA B 166 6.86 2.33 -17.21
N LEU B 167 7.73 1.63 -16.48
CA LEU B 167 7.81 0.21 -16.61
C LEU B 167 7.29 -0.37 -15.31
N TYR B 168 6.23 -1.17 -15.41
CA TYR B 168 5.68 -1.95 -14.32
C TYR B 168 6.29 -3.35 -14.36
N GLY B 169 7.56 -3.47 -13.95
CA GLY B 169 8.18 -4.76 -13.87
C GLY B 169 8.16 -5.22 -12.42
N SER B 170 9.29 -5.72 -11.95
CA SER B 170 9.42 -6.17 -10.57
C SER B 170 9.15 -4.97 -9.61
N ALA B 171 9.57 -3.77 -10.03
CA ALA B 171 9.18 -2.52 -9.40
C ALA B 171 8.64 -1.60 -10.49
N THR B 172 8.08 -0.47 -10.10
CA THR B 172 7.61 0.46 -11.10
C THR B 172 8.61 1.61 -11.24
N MET B 173 9.07 1.85 -12.48
CA MET B 173 10.05 2.91 -12.76
C MET B 173 9.59 3.82 -13.89
N LEU B 174 9.69 5.12 -13.68
CA LEU B 174 9.47 6.10 -14.72
C LEU B 174 10.84 6.57 -15.24
N VAL B 175 11.02 6.49 -16.53
CA VAL B 175 12.21 7.05 -17.20
C VAL B 175 11.79 8.26 -17.99
N LEU B 176 12.41 9.39 -17.73
CA LEU B 176 11.99 10.63 -18.38
C LEU B 176 13.18 11.28 -19.09
N ALA B 177 13.00 11.49 -20.39
CA ALA B 177 14.04 12.02 -21.25
C ALA B 177 13.64 13.42 -21.66
N MET B 178 14.58 14.33 -21.58
CA MET B 178 14.35 15.73 -21.92
C MET B 178 15.65 16.23 -22.47
N ASP B 179 15.67 17.42 -23.05
CA ASP B 179 16.95 18.03 -23.40
C ASP B 179 18.07 17.85 -22.39
N CYS B 180 17.72 17.94 -21.09
CA CYS B 180 18.73 17.84 -20.00
C CYS B 180 19.34 16.46 -19.82
N GLY B 181 18.76 15.48 -20.50
CA GLY B 181 19.21 14.10 -20.40
C GLY B 181 18.11 13.13 -19.96
N VAL B 182 18.53 11.94 -19.55
CA VAL B 182 17.59 10.89 -19.12
C VAL B 182 17.70 10.67 -17.59
N ASN B 183 16.56 10.63 -16.92
CA ASN B 183 16.48 10.53 -15.46
C ASN B 183 15.47 9.46 -15.05
N CYS B 184 15.89 8.58 -14.16
CA CYS B 184 15.11 7.42 -13.78
C CYS B 184 14.53 7.54 -12.40
N PHE B 185 13.23 7.27 -12.28
CA PHE B 185 12.50 7.51 -11.05
C PHE B 185 11.83 6.22 -10.59
N MET B 186 12.14 5.76 -9.38
CA MET B 186 11.49 4.56 -8.84
C MET B 186 10.26 4.97 -8.08
N LEU B 187 9.17 4.28 -8.35
CA LEU B 187 7.96 4.52 -7.60
C LEU B 187 8.13 3.83 -6.27
N ASP B 188 8.05 4.58 -5.18
CA ASP B 188 7.98 3.97 -3.84
C ASP B 188 6.48 3.87 -3.51
N PRO B 189 5.93 2.65 -3.53
CA PRO B 189 4.47 2.57 -3.34
C PRO B 189 4.06 2.77 -1.87
N ALA B 190 4.99 2.66 -0.91
CA ALA B 190 4.68 3.04 0.46
C ALA B 190 4.11 4.46 0.56
N ILE B 191 4.63 5.38 -0.23
CA ILE B 191 4.22 6.76 -0.11
C ILE B 191 3.69 7.37 -1.42
N GLY B 192 3.68 6.61 -2.51
CA GLY B 192 3.11 7.13 -3.75
C GLY B 192 3.97 8.22 -4.35
N GLU B 193 5.28 8.02 -4.27
CA GLU B 193 6.21 9.02 -4.73
C GLU B 193 7.26 8.43 -5.70
N PHE B 194 7.56 9.15 -6.79
CA PHE B 194 8.65 8.80 -7.72
C PHE B 194 9.95 9.41 -7.22
N ILE B 195 10.88 8.56 -6.82
CA ILE B 195 12.13 8.97 -6.23
C ILE B 195 13.19 8.86 -7.32
N LEU B 196 13.98 9.92 -7.49
CA LEU B 196 15.03 9.92 -8.48
C LEU B 196 16.14 9.00 -8.02
N VAL B 197 16.45 7.97 -8.80
CA VAL B 197 17.40 6.96 -8.40
C VAL B 197 18.62 6.89 -9.34
N ASP B 198 18.47 7.33 -10.58
CA ASP B 198 19.55 7.30 -11.57
C ASP B 198 19.50 8.56 -12.39
N LYS B 199 20.51 9.41 -12.24
CA LYS B 199 20.53 10.73 -12.87
C LYS B 199 21.32 10.71 -14.18
N ASP B 200 20.86 11.51 -15.13
CA ASP B 200 21.60 11.77 -16.35
C ASP B 200 22.25 10.51 -16.92
N VAL B 201 21.39 9.53 -17.15
CA VAL B 201 21.75 8.19 -17.50
C VAL B 201 22.34 8.17 -18.91
N LYS B 202 23.40 7.38 -19.10
CA LYS B 202 24.05 7.16 -20.40
C LYS B 202 24.21 5.67 -20.59
N ILE B 203 23.75 5.18 -21.73
CA ILE B 203 23.83 3.77 -22.07
C ILE B 203 25.27 3.30 -22.38
N LYS B 204 25.57 2.04 -22.03
CA LYS B 204 26.84 1.44 -22.42
C LYS B 204 27.15 1.73 -23.91
N LYS B 205 28.43 1.94 -24.20
CA LYS B 205 28.89 2.18 -25.57
C LYS B 205 28.60 0.95 -26.42
N LYS B 206 28.88 -0.23 -25.87
CA LYS B 206 28.59 -1.50 -26.53
C LYS B 206 28.16 -2.49 -25.46
N GLY B 207 27.18 -3.32 -25.78
CA GLY B 207 26.66 -4.32 -24.82
C GLY B 207 26.93 -5.75 -25.26
N LYS B 208 26.24 -6.71 -24.63
CA LYS B 208 26.46 -8.13 -24.80
C LYS B 208 25.14 -8.90 -24.86
N ILE B 209 24.04 -8.19 -25.07
CA ILE B 209 22.73 -8.81 -25.22
C ILE B 209 22.07 -8.31 -26.51
N TYR B 210 21.52 -9.23 -27.30
CA TYR B 210 20.69 -8.82 -28.45
C TYR B 210 19.28 -9.26 -28.19
N SER B 211 18.33 -8.48 -28.69
CA SER B 211 16.98 -8.72 -28.29
C SER B 211 16.04 -8.57 -29.47
N LEU B 212 15.47 -9.69 -29.91
CA LEU B 212 14.46 -9.73 -30.99
C LEU B 212 13.74 -11.07 -31.01
N ASN B 213 12.59 -11.13 -31.66
CA ASN B 213 11.90 -12.40 -31.87
C ASN B 213 12.53 -13.26 -32.97
N GLU B 214 13.27 -14.30 -32.58
CA GLU B 214 13.94 -15.20 -33.54
C GLU B 214 12.99 -16.27 -34.16
N GLY B 215 11.74 -16.29 -33.68
CA GLY B 215 10.69 -17.08 -34.28
C GLY B 215 10.30 -16.61 -35.67
N TYR B 216 10.65 -15.37 -36.02
CA TYR B 216 10.49 -14.86 -37.40
C TYR B 216 11.71 -15.01 -38.28
N ALA B 217 12.64 -15.90 -37.97
CA ALA B 217 13.89 -15.99 -38.75
C ALA B 217 13.68 -16.31 -40.25
N LYS B 218 12.69 -17.16 -40.55
CA LYS B 218 12.31 -17.50 -41.93
C LYS B 218 11.94 -16.25 -42.75
N ASP B 219 11.50 -15.21 -42.05
CA ASP B 219 11.03 -13.98 -42.66
C ASP B 219 12.08 -12.86 -42.75
N PHE B 220 13.17 -12.99 -42.00
CA PHE B 220 14.12 -11.89 -41.84
C PHE B 220 14.76 -11.45 -43.16
N ASP B 221 15.01 -10.15 -43.28
CA ASP B 221 15.84 -9.63 -44.35
C ASP B 221 17.24 -10.15 -44.12
N PRO B 222 17.99 -10.40 -45.21
CA PRO B 222 19.31 -11.05 -45.06
C PRO B 222 20.24 -10.26 -44.15
N ALA B 223 20.04 -8.94 -44.08
CA ALA B 223 20.87 -8.08 -43.21
C ALA B 223 20.71 -8.38 -41.71
N VAL B 224 19.50 -8.74 -41.29
CA VAL B 224 19.21 -9.09 -39.91
C VAL B 224 19.74 -10.49 -39.61
N THR B 225 19.48 -11.43 -40.52
CA THR B 225 20.05 -12.79 -40.44
C THR B 225 21.56 -12.77 -40.20
N GLU B 226 22.27 -11.97 -41.00
CA GLU B 226 23.72 -11.85 -40.90
C GLU B 226 24.11 -11.30 -39.53
N TYR B 227 23.52 -10.18 -39.13
CA TYR B 227 23.82 -9.57 -37.84
C TYR B 227 23.67 -10.53 -36.67
N ILE B 228 22.54 -11.23 -36.63
CA ILE B 228 22.36 -12.26 -35.63
C ILE B 228 23.47 -13.31 -35.68
N GLN B 229 23.82 -13.73 -36.89
CA GLN B 229 24.89 -14.73 -37.03
C GLN B 229 26.16 -14.27 -36.34
N ARG B 230 26.51 -12.99 -36.55
CA ARG B 230 27.62 -12.33 -35.84
C ARG B 230 27.50 -12.40 -34.31
N LYS B 231 26.28 -12.41 -33.79
CA LYS B 231 26.08 -12.45 -32.33
C LYS B 231 26.41 -13.81 -31.77
N LYS B 232 26.02 -14.87 -32.50
CA LYS B 232 26.24 -16.23 -32.03
C LYS B 232 27.64 -16.74 -32.39
N PHE B 233 28.18 -16.20 -33.47
CA PHE B 233 29.52 -16.54 -33.95
C PHE B 233 30.34 -15.28 -34.24
N PRO B 234 30.96 -14.70 -33.21
CA PRO B 234 31.67 -13.42 -33.37
C PRO B 234 32.88 -13.51 -34.32
N PRO B 235 32.99 -12.56 -35.27
CA PRO B 235 34.08 -12.58 -36.27
C PRO B 235 35.43 -12.24 -35.66
N ASP B 236 35.39 -11.53 -34.54
CA ASP B 236 36.61 -11.12 -33.85
C ASP B 236 36.90 -12.01 -32.66
N ASN B 237 36.22 -13.16 -32.58
CA ASN B 237 36.49 -14.18 -31.56
C ASN B 237 36.24 -13.70 -30.11
N SER B 238 35.44 -12.64 -29.94
CA SER B 238 34.91 -12.26 -28.64
C SER B 238 33.82 -13.24 -28.23
N ALA B 239 33.19 -13.02 -27.08
CA ALA B 239 32.23 -13.99 -26.59
C ALA B 239 30.87 -13.82 -27.26
N PRO B 240 30.20 -14.92 -27.58
CA PRO B 240 28.85 -14.75 -28.16
C PRO B 240 27.96 -13.91 -27.23
N TYR B 241 27.10 -13.06 -27.79
CA TYR B 241 26.13 -12.33 -26.98
C TYR B 241 25.09 -13.31 -26.41
N GLY B 242 24.51 -12.99 -25.27
CA GLY B 242 23.31 -13.70 -24.83
C GLY B 242 22.12 -13.03 -25.49
N ALA B 243 21.00 -13.73 -25.50
CA ALA B 243 19.78 -13.22 -26.06
C ALA B 243 18.74 -13.15 -24.97
N ARG B 244 17.97 -12.06 -24.96
CA ARG B 244 16.82 -11.88 -24.07
C ARG B 244 15.68 -11.33 -24.88
N TYR B 245 14.47 -11.81 -24.65
CA TYR B 245 13.30 -11.26 -25.35
C TYR B 245 12.04 -11.45 -24.57
N VAL B 246 11.74 -10.44 -23.77
CA VAL B 246 10.54 -10.44 -22.97
C VAL B 246 9.30 -10.47 -23.85
N GLY B 247 9.31 -9.65 -24.89
CA GLY B 247 8.17 -9.53 -25.80
C GLY B 247 7.28 -8.36 -25.43
N SER B 248 7.68 -7.66 -24.37
CA SER B 248 7.06 -6.40 -24.00
C SER B 248 8.12 -5.32 -24.23
N MET B 249 7.84 -4.38 -25.15
CA MET B 249 8.85 -3.43 -25.59
C MET B 249 9.51 -2.67 -24.43
N VAL B 250 8.71 -2.26 -23.44
CA VAL B 250 9.22 -1.42 -22.36
C VAL B 250 10.25 -2.21 -21.57
N ALA B 251 9.96 -3.48 -21.27
CA ALA B 251 10.90 -4.33 -20.53
C ALA B 251 12.20 -4.56 -21.31
N ASP B 252 12.06 -4.82 -22.61
CA ASP B 252 13.24 -5.05 -23.44
C ASP B 252 14.09 -3.80 -23.59
N VAL B 253 13.46 -2.69 -23.94
CA VAL B 253 14.18 -1.45 -24.13
C VAL B 253 14.84 -1.01 -22.81
N HIS B 254 14.15 -1.21 -21.69
CA HIS B 254 14.69 -0.76 -20.41
C HIS B 254 15.91 -1.56 -19.96
N ARG B 255 15.85 -2.88 -20.13
CA ARG B 255 17.01 -3.72 -19.94
C ARG B 255 18.15 -3.25 -20.88
N THR B 256 17.78 -2.80 -22.08
CA THR B 256 18.78 -2.28 -23.04
C THR B 256 19.42 -0.99 -22.55
N LEU B 257 18.64 -0.11 -21.95
CA LEU B 257 19.18 1.09 -21.34
C LEU B 257 20.11 0.77 -20.16
N VAL B 258 19.70 -0.20 -19.36
CA VAL B 258 20.41 -0.54 -18.12
C VAL B 258 21.66 -1.39 -18.34
N TYR B 259 21.58 -2.38 -19.21
CA TYR B 259 22.69 -3.29 -19.40
C TYR B 259 23.42 -3.10 -20.71
N GLY B 260 22.87 -2.27 -21.58
CA GLY B 260 23.41 -2.09 -22.89
C GLY B 260 23.00 -3.27 -23.75
N GLY B 261 23.34 -3.16 -25.02
CA GLY B 261 23.04 -4.19 -26.00
C GLY B 261 22.20 -3.59 -27.10
N ILE B 262 21.40 -4.44 -27.73
CA ILE B 262 20.66 -4.01 -28.90
C ILE B 262 19.25 -4.59 -28.88
N PHE B 263 18.30 -3.81 -29.37
CA PHE B 263 16.92 -4.25 -29.49
C PHE B 263 16.44 -4.08 -30.92
N LEU B 264 15.78 -5.13 -31.42
CA LEU B 264 15.36 -5.17 -32.81
C LEU B 264 13.92 -5.61 -32.99
N TYR B 265 13.15 -4.77 -33.67
CA TYR B 265 11.92 -5.23 -34.30
C TYR B 265 11.90 -4.79 -35.76
N PRO B 266 12.49 -5.61 -36.64
CA PRO B 266 12.61 -5.33 -38.04
C PRO B 266 11.39 -5.78 -38.84
N ALA B 267 11.32 -5.35 -40.08
CA ALA B 267 10.24 -5.72 -40.99
C ALA B 267 10.22 -7.24 -41.19
N ASN B 268 9.03 -7.84 -41.29
CA ASN B 268 8.92 -9.28 -41.63
C ASN B 268 7.86 -9.56 -42.70
N LYS B 269 7.19 -10.70 -42.61
CA LYS B 269 6.14 -11.08 -43.58
C LYS B 269 4.77 -10.58 -43.11
N LYS B 270 4.44 -10.90 -41.87
CA LYS B 270 3.23 -10.40 -41.22
C LYS B 270 3.25 -8.87 -41.03
N SER B 271 4.45 -8.34 -40.77
CA SER B 271 4.61 -6.91 -40.56
C SER B 271 5.69 -6.38 -41.49
N PRO B 272 5.32 -6.09 -42.76
CA PRO B 272 6.30 -5.62 -43.76
C PRO B 272 6.94 -4.25 -43.48
N ASN B 273 6.30 -3.43 -42.65
CA ASN B 273 6.81 -2.10 -42.25
C ASN B 273 7.25 -2.05 -40.79
N GLY B 274 7.64 -3.21 -40.26
CA GLY B 274 7.78 -3.36 -38.83
C GLY B 274 6.40 -3.54 -38.21
N LYS B 275 6.35 -3.83 -36.92
CA LYS B 275 5.09 -4.04 -36.22
C LYS B 275 4.85 -2.89 -35.26
N LEU B 276 5.93 -2.37 -34.69
CA LEU B 276 5.80 -1.35 -33.62
C LEU B 276 5.35 0.00 -34.16
N ARG B 277 4.67 0.77 -33.32
CA ARG B 277 4.03 2.00 -33.77
C ARG B 277 4.96 3.18 -33.65
N LEU B 278 5.17 3.88 -34.78
CA LEU B 278 6.12 4.99 -34.81
C LEU B 278 5.86 6.03 -33.72
N LEU B 279 4.66 6.60 -33.69
CA LEU B 279 4.39 7.76 -32.86
C LEU B 279 4.49 7.56 -31.33
N TYR B 280 4.17 6.36 -30.84
CA TYR B 280 4.05 6.19 -29.37
C TYR B 280 4.72 4.93 -28.83
N GLU B 281 5.47 4.25 -29.68
CA GLU B 281 6.39 3.19 -29.28
C GLU B 281 7.79 3.56 -29.75
N CYS B 282 7.96 3.61 -31.07
CA CYS B 282 9.28 3.85 -31.66
C CYS B 282 9.84 5.22 -31.30
N ASN B 283 9.12 6.30 -31.59
CA ASN B 283 9.67 7.67 -31.40
C ASN B 283 10.13 7.96 -29.94
N PRO B 284 9.28 7.64 -28.95
CA PRO B 284 9.73 7.92 -27.59
C PRO B 284 10.94 7.08 -27.20
N MET B 285 10.99 5.80 -27.59
CA MET B 285 12.11 4.95 -27.22
C MET B 285 13.38 5.41 -27.90
N ALA B 286 13.23 5.89 -29.11
CA ALA B 286 14.35 6.45 -29.87
C ALA B 286 14.89 7.72 -29.23
N TYR B 287 13.98 8.46 -28.61
CA TYR B 287 14.32 9.78 -28.09
C TYR B 287 15.05 9.62 -26.77
N VAL B 288 14.51 8.77 -25.90
CA VAL B 288 15.22 8.29 -24.70
C VAL B 288 16.57 7.73 -25.06
N MET B 289 16.61 6.81 -26.02
CA MET B 289 17.88 6.22 -26.44
C MET B 289 18.89 7.30 -26.87
N GLU B 290 18.46 8.22 -27.73
CA GLU B 290 19.37 9.28 -28.20
C GLU B 290 19.80 10.22 -27.09
N LYS B 291 18.88 10.56 -26.18
CA LYS B 291 19.24 11.39 -25.04
C LYS B 291 20.17 10.68 -24.04
N ALA B 292 20.22 9.35 -24.10
CA ALA B 292 21.11 8.56 -23.26
C ALA B 292 22.41 8.21 -24.00
N GLY B 293 22.61 8.80 -25.19
CA GLY B 293 23.83 8.55 -25.96
C GLY B 293 23.77 7.29 -26.79
N GLY B 294 22.56 6.75 -26.99
CA GLY B 294 22.38 5.57 -27.79
C GLY B 294 21.86 5.91 -29.19
N MET B 295 21.37 4.93 -29.92
CA MET B 295 20.83 5.16 -31.25
C MET B 295 19.53 4.38 -31.50
N ALA B 296 18.86 4.72 -32.59
CA ALA B 296 17.55 4.21 -32.92
C ALA B 296 17.34 4.42 -34.39
N THR B 297 17.26 3.31 -35.12
CA THR B 297 17.28 3.37 -36.57
C THR B 297 16.23 2.47 -37.16
N THR B 298 15.64 2.91 -38.27
CA THR B 298 14.75 2.04 -39.07
C THR B 298 15.56 1.10 -39.94
N GLY B 299 16.84 1.40 -40.07
CA GLY B 299 17.72 0.68 -40.99
C GLY B 299 18.11 1.65 -42.10
N LYS B 300 17.15 2.45 -42.53
CA LYS B 300 17.30 3.39 -43.65
C LYS B 300 17.70 4.79 -43.15
N GLU B 301 17.20 5.15 -41.97
CA GLU B 301 17.40 6.47 -41.38
C GLU B 301 17.09 6.43 -39.86
N ALA B 302 17.37 7.52 -39.15
CA ALA B 302 16.98 7.61 -37.75
C ALA B 302 15.47 7.55 -37.65
N VAL B 303 14.99 6.81 -36.66
CA VAL B 303 13.58 6.78 -36.32
C VAL B 303 13.02 8.20 -36.18
N LEU B 304 13.74 9.04 -35.44
CA LEU B 304 13.25 10.36 -35.11
C LEU B 304 13.17 11.28 -36.33
N ASP B 305 13.77 10.83 -37.44
CA ASP B 305 13.84 11.61 -38.65
C ASP B 305 12.70 11.25 -39.58
N VAL B 306 12.08 10.09 -39.36
CA VAL B 306 10.84 9.73 -40.05
C VAL B 306 9.73 10.76 -39.86
N ILE B 307 9.16 11.19 -40.97
CA ILE B 307 7.98 12.04 -40.99
C ILE B 307 6.76 11.18 -41.25
N PRO B 308 5.93 10.99 -40.20
CA PRO B 308 4.76 10.14 -40.32
C PRO B 308 3.63 10.83 -41.13
N THR B 309 2.80 10.03 -41.78
CA THR B 309 1.63 10.52 -42.55
C THR B 309 0.35 9.85 -41.98
N ASP B 310 0.51 9.01 -40.97
CA ASP B 310 -0.59 8.27 -40.34
C ASP B 310 -0.22 8.15 -38.88
N ILE B 311 -1.13 8.49 -37.98
CA ILE B 311 -0.80 8.47 -36.55
C ILE B 311 -0.53 7.07 -36.00
N HIS B 312 -1.07 6.04 -36.65
CA HIS B 312 -0.81 4.65 -36.27
C HIS B 312 0.18 3.94 -37.21
N GLN B 313 0.99 4.69 -37.91
CA GLN B 313 1.91 4.05 -38.83
C GLN B 313 2.97 3.23 -38.08
N ARG B 314 3.45 2.18 -38.74
CA ARG B 314 4.42 1.28 -38.15
C ARG B 314 5.80 1.61 -38.66
N ALA B 315 6.81 1.26 -37.86
CA ALA B 315 8.19 1.46 -38.25
C ALA B 315 9.08 0.35 -37.75
N PRO B 316 10.13 0.00 -38.51
CA PRO B 316 11.12 -0.92 -37.99
C PRO B 316 11.96 -0.14 -37.02
N VAL B 317 12.46 -0.83 -36.02
CA VAL B 317 13.28 -0.18 -35.03
C VAL B 317 14.42 -1.09 -34.62
N ILE B 318 15.62 -0.52 -34.66
CA ILE B 318 16.81 -1.17 -34.13
C ILE B 318 17.44 -0.15 -33.24
N LEU B 319 17.57 -0.47 -31.95
CA LEU B 319 17.97 0.55 -30.98
C LEU B 319 18.91 -0.01 -29.94
N GLY B 320 19.68 0.87 -29.31
CA GLY B 320 20.49 0.44 -28.20
C GLY B 320 21.83 1.11 -28.17
N SER B 321 22.82 0.39 -27.65
CA SER B 321 24.19 0.88 -27.57
C SER B 321 24.69 1.32 -28.94
N PRO B 322 25.40 2.47 -29.00
CA PRO B 322 25.81 3.04 -30.25
C PRO B 322 26.64 2.08 -31.12
N ASP B 323 27.57 1.34 -30.51
CA ASP B 323 28.46 0.43 -31.23
C ASP B 323 27.74 -0.83 -31.68
N ASP B 324 26.69 -1.22 -30.96
CA ASP B 324 25.79 -2.28 -31.44
C ASP B 324 24.94 -1.80 -32.62
N VAL B 325 24.45 -0.56 -32.53
CA VAL B 325 23.61 -0.02 -33.62
C VAL B 325 24.45 0.18 -34.90
N LEU B 326 25.63 0.77 -34.78
CA LEU B 326 26.54 0.91 -35.94
C LEU B 326 26.95 -0.44 -36.56
N GLU B 327 27.19 -1.46 -35.74
CA GLU B 327 27.51 -2.78 -36.29
C GLU B 327 26.33 -3.36 -37.07
N PHE B 328 25.10 -3.17 -36.57
CA PHE B 328 23.94 -3.54 -37.37
C PHE B 328 23.88 -2.79 -38.71
N LEU B 329 24.07 -1.48 -38.62
CA LEU B 329 24.01 -0.60 -39.79
C LEU B 329 25.14 -0.89 -40.77
N LYS B 330 26.29 -1.31 -40.26
CA LYS B 330 27.40 -1.74 -41.10
C LYS B 330 26.98 -2.94 -41.97
N VAL B 331 26.28 -3.89 -41.35
CA VAL B 331 25.80 -5.08 -42.07
C VAL B 331 24.70 -4.71 -43.06
N TYR B 332 23.79 -3.83 -42.63
CA TYR B 332 22.69 -3.35 -43.44
C TYR B 332 23.20 -2.67 -44.72
N GLU B 333 24.16 -1.77 -44.56
CA GLU B 333 24.77 -1.03 -45.66
C GLU B 333 25.56 -1.92 -46.63
N LYS B 334 25.66 -3.19 -46.30
CA LYS B 334 26.36 -4.18 -47.10
C LYS B 334 25.34 -4.87 -48.01
N HIS B 335 24.13 -5.08 -47.50
CA HIS B 335 23.04 -5.66 -48.31
C HIS B 335 22.19 -4.55 -48.93
N SER B 336 22.81 -3.41 -49.21
CA SER B 336 22.12 -2.19 -49.63
C SER B 336 21.46 -1.54 -48.42
N ALA B 337 20.54 -2.11 -47.82
N ASP C 10 10.32 -14.76 18.75
CA ASP C 10 10.02 -14.95 17.30
C ASP C 10 8.77 -14.21 16.87
N VAL C 11 8.80 -13.77 15.62
CA VAL C 11 7.68 -13.06 15.03
C VAL C 11 6.43 -13.93 15.09
N ASN C 12 5.34 -13.36 15.60
CA ASN C 12 4.07 -14.08 15.58
C ASN C 12 3.03 -13.27 14.83
N THR C 13 2.20 -13.96 14.05
CA THR C 13 1.15 -13.30 13.29
C THR C 13 -0.17 -13.85 13.74
N LEU C 14 -1.22 -13.08 13.50
CA LEU C 14 -2.56 -13.55 13.85
C LEU C 14 -2.79 -14.99 13.34
N THR C 15 -2.44 -15.24 12.08
CA THR C 15 -2.71 -16.54 11.45
C THR C 15 -1.92 -17.65 12.13
N ARG C 16 -0.64 -17.38 12.43
CA ARG C 16 0.18 -18.37 13.13
C ARG C 16 -0.30 -18.62 14.54
N PHE C 17 -0.68 -17.55 15.23
CA PHE C 17 -1.07 -17.60 16.62
C PHE C 17 -2.34 -18.38 16.85
N VAL C 18 -3.35 -18.06 16.04
CA VAL C 18 -4.66 -18.67 16.12
C VAL C 18 -4.48 -20.17 15.91
N MET C 19 -3.78 -20.53 14.85
CA MET C 19 -3.49 -21.93 14.54
C MET C 19 -2.77 -22.66 15.68
N GLU C 20 -1.87 -21.99 16.38
CA GLU C 20 -1.16 -22.65 17.45
C GLU C 20 -1.95 -22.80 18.75
N GLU C 21 -2.83 -21.83 19.03
CA GLU C 21 -3.78 -21.97 20.12
C GLU C 21 -4.80 -23.05 19.79
N GLY C 22 -5.19 -23.10 18.52
CA GLY C 22 -6.08 -24.12 18.01
C GLY C 22 -5.49 -25.51 18.11
N ARG C 23 -4.23 -25.66 17.73
CA ARG C 23 -3.55 -26.95 17.82
C ARG C 23 -3.33 -27.39 19.25
N LYS C 24 -3.01 -26.44 20.14
CA LYS C 24 -2.87 -26.75 21.57
C LYS C 24 -4.19 -27.26 22.14
N ALA C 25 -5.28 -26.65 21.72
CA ALA C 25 -6.59 -26.99 22.25
C ALA C 25 -7.17 -28.23 21.55
N ARG C 26 -6.38 -28.83 20.66
CA ARG C 26 -6.78 -30.05 19.94
C ARG C 26 -8.10 -29.85 19.19
N GLY C 27 -8.31 -28.64 18.68
CA GLY C 27 -9.56 -28.31 18.00
C GLY C 27 -9.57 -28.69 16.54
N THR C 28 -10.75 -28.66 15.92
CA THR C 28 -10.92 -29.09 14.52
C THR C 28 -10.59 -27.97 13.54
N GLY C 29 -10.33 -26.79 14.08
CA GLY C 29 -9.92 -25.65 13.27
C GLY C 29 -11.03 -24.80 12.71
N GLU C 30 -12.28 -25.10 13.06
CA GLU C 30 -13.42 -24.27 12.62
C GLU C 30 -13.39 -22.83 13.18
N LEU C 31 -12.99 -22.62 14.44
CA LEU C 31 -12.84 -21.24 14.96
C LEU C 31 -11.70 -20.46 14.25
N THR C 32 -10.63 -21.16 13.90
CA THR C 32 -9.52 -20.60 13.13
C THR C 32 -10.01 -20.06 11.80
N GLN C 33 -10.85 -20.82 11.11
CA GLN C 33 -11.33 -20.44 9.80
C GLN C 33 -12.19 -19.19 9.93
N LEU C 34 -13.03 -19.17 10.96
CA LEU C 34 -13.78 -18.01 11.33
C LEU C 34 -12.83 -16.82 11.57
N LEU C 35 -11.84 -17.04 12.42
CA LEU C 35 -10.95 -15.97 12.80
C LEU C 35 -10.09 -15.50 11.61
N ASN C 36 -9.64 -16.43 10.77
CA ASN C 36 -8.96 -16.10 9.52
C ASN C 36 -9.83 -15.28 8.58
N SER C 37 -11.09 -15.69 8.40
CA SER C 37 -12.04 -14.96 7.55
C SER C 37 -12.28 -13.54 8.06
N LEU C 38 -12.26 -13.39 9.38
CA LEU C 38 -12.54 -12.11 10.02
C LEU C 38 -11.36 -11.14 9.86
N CYS C 39 -10.15 -11.68 10.04
CA CYS C 39 -8.90 -10.98 9.82
C CYS C 39 -8.85 -10.42 8.41
N THR C 40 -9.24 -11.25 7.45
CA THR C 40 -9.30 -10.83 6.04
C THR C 40 -10.25 -9.67 5.82
N ALA C 41 -11.45 -9.80 6.40
CA ALA C 41 -12.45 -8.75 6.36
C ALA C 41 -11.93 -7.44 7.02
N VAL C 42 -11.23 -7.55 8.15
CA VAL C 42 -10.69 -6.38 8.84
C VAL C 42 -9.66 -5.61 7.99
N LYS C 43 -8.80 -6.35 7.28
CA LYS C 43 -7.78 -5.74 6.44
C LYS C 43 -8.43 -5.02 5.26
N ALA C 44 -9.48 -5.62 4.72
CA ALA C 44 -10.29 -4.98 3.66
C ALA C 44 -11.03 -3.75 4.18
N ILE C 45 -11.61 -3.86 5.36
CA ILE C 45 -12.24 -2.70 6.00
C ILE C 45 -11.24 -1.57 6.21
N SER C 46 -10.10 -1.90 6.80
CA SER C 46 -9.04 -0.94 7.02
C SER C 46 -8.72 -0.18 5.73
N SER C 47 -8.48 -0.93 4.67
CA SER C 47 -8.13 -0.35 3.37
C SER C 47 -9.16 0.64 2.84
N ALA C 48 -10.44 0.31 2.95
CA ALA C 48 -11.50 1.26 2.61
C ALA C 48 -11.54 2.46 3.57
N VAL C 49 -11.32 2.21 4.84
CA VAL C 49 -11.42 3.28 5.82
C VAL C 49 -10.29 4.32 5.54
N ARG C 50 -9.11 3.85 5.16
CA ARG C 50 -7.95 4.72 4.89
C ARG C 50 -8.04 5.36 3.50
N LYS C 51 -9.09 4.96 2.79
CA LYS C 51 -9.57 5.59 1.58
C LYS C 51 -8.75 5.25 0.33
N ALA C 52 -8.14 4.06 0.28
CA ALA C 52 -7.50 3.58 -0.95
C ALA C 52 -8.51 3.60 -2.11
N GLY C 53 -8.14 4.17 -3.25
CA GLY C 53 -9.05 4.19 -4.41
C GLY C 53 -10.07 5.33 -4.40
N ILE C 54 -10.02 6.23 -3.42
CA ILE C 54 -10.95 7.36 -3.41
C ILE C 54 -10.75 8.27 -4.62
N ALA C 55 -9.60 8.15 -5.29
CA ALA C 55 -9.31 8.95 -6.48
C ALA C 55 -10.30 8.62 -7.59
N HIS C 56 -10.58 7.33 -7.75
CA HIS C 56 -11.55 6.84 -8.73
C HIS C 56 -12.96 7.35 -8.44
N LEU C 57 -13.31 7.51 -7.17
CA LEU C 57 -14.59 8.09 -6.81
C LEU C 57 -14.67 9.59 -7.14
N TYR C 58 -13.52 10.22 -7.28
CA TYR C 58 -13.46 11.63 -7.60
C TYR C 58 -13.07 11.95 -9.03
N GLY C 59 -13.07 10.89 -9.84
CA GLY C 59 -13.06 11.03 -11.26
C GLY C 59 -11.71 10.97 -11.91
N ILE C 60 -10.76 10.27 -11.31
CA ILE C 60 -9.40 10.21 -11.86
C ILE C 60 -9.38 9.52 -13.26
N ALA C 61 -10.32 8.57 -13.48
CA ALA C 61 -10.41 7.90 -14.78
C ALA C 61 -11.53 8.49 -15.66
N GLY C 62 -12.09 9.62 -15.24
CA GLY C 62 -13.19 10.27 -15.98
C GLY C 62 -14.56 9.99 -15.38
N LYS C 72 -20.49 1.83 -2.43
CA LYS C 72 -21.33 1.77 -1.22
C LYS C 72 -20.81 2.76 -0.20
N LYS C 73 -21.68 3.17 0.70
CA LYS C 73 -21.30 3.85 1.91
C LYS C 73 -20.39 2.89 2.68
N LEU C 74 -19.49 3.46 3.47
CA LEU C 74 -18.52 2.67 4.19
C LEU C 74 -19.14 1.70 5.17
N ASP C 75 -20.17 2.12 5.90
CA ASP C 75 -20.78 1.22 6.84
C ASP C 75 -21.36 0.00 6.16
N VAL C 76 -22.06 0.23 5.05
CA VAL C 76 -22.66 -0.81 4.22
C VAL C 76 -21.62 -1.78 3.66
N LEU C 77 -20.54 -1.27 3.07
CA LEU C 77 -19.43 -2.09 2.57
C LEU C 77 -18.77 -2.90 3.68
N SER C 78 -18.48 -2.28 4.82
CA SER C 78 -17.83 -2.97 5.94
C SER C 78 -18.70 -4.12 6.39
N ASN C 79 -20.02 -3.86 6.47
CA ASN C 79 -20.95 -4.90 6.78
C ASN C 79 -20.92 -6.04 5.77
N ASP C 80 -20.90 -5.70 4.48
CA ASP C 80 -20.83 -6.71 3.40
C ASP C 80 -19.55 -7.53 3.46
N LEU C 81 -18.45 -6.89 3.83
CA LEU C 81 -17.18 -7.58 3.99
C LEU C 81 -17.30 -8.58 5.10
N VAL C 82 -17.78 -8.13 6.26
CA VAL C 82 -17.84 -9.04 7.39
C VAL C 82 -18.86 -10.16 7.14
N MET C 83 -20.05 -9.82 6.67
CA MET C 83 -21.08 -10.84 6.38
C MET C 83 -20.58 -11.91 5.43
N ASN C 84 -19.98 -11.46 4.32
CA ASN C 84 -19.57 -12.38 3.25
C ASN C 84 -18.39 -13.23 3.65
N MET C 85 -17.44 -12.63 4.36
CA MET C 85 -16.31 -13.45 4.84
C MET C 85 -16.74 -14.53 5.85
N LEU C 86 -17.64 -14.19 6.77
CA LEU C 86 -18.07 -15.15 7.80
C LEU C 86 -18.95 -16.27 7.24
N LYS C 87 -19.90 -15.91 6.37
CA LYS C 87 -20.67 -16.89 5.61
C LYS C 87 -19.77 -17.87 4.87
N SER C 88 -18.80 -17.36 4.14
CA SER C 88 -17.98 -18.20 3.27
C SER C 88 -16.94 -19.02 4.04
N SER C 89 -16.82 -18.74 5.35
CA SER C 89 -15.87 -19.43 6.21
C SER C 89 -16.30 -20.86 6.54
N PHE C 90 -17.58 -21.14 6.37
CA PHE C 90 -18.20 -22.42 6.79
C PHE C 90 -18.19 -22.64 8.30
N ALA C 91 -17.97 -21.57 9.06
CA ALA C 91 -17.89 -21.69 10.52
C ALA C 91 -19.06 -21.06 11.28
N THR C 92 -20.02 -20.45 10.57
CA THR C 92 -21.09 -19.73 11.27
C THR C 92 -22.50 -20.16 10.85
N CYS C 93 -23.48 -19.85 11.69
CA CYS C 93 -24.86 -20.19 11.41
C CYS C 93 -25.80 -18.99 11.56
N VAL C 94 -25.52 -18.15 12.56
CA VAL C 94 -26.29 -16.94 12.84
C VAL C 94 -25.34 -15.75 12.99
N LEU C 95 -25.67 -14.66 12.33
CA LEU C 95 -24.83 -13.46 12.33
C LEU C 95 -25.71 -12.29 12.70
N VAL C 96 -25.40 -11.64 13.80
CA VAL C 96 -26.11 -10.41 14.14
C VAL C 96 -25.21 -9.21 13.85
N SER C 97 -25.74 -8.20 13.19
CA SER C 97 -24.97 -6.99 12.83
C SER C 97 -25.73 -5.72 13.18
N GLU C 98 -25.00 -4.72 13.63
CA GLU C 98 -25.59 -3.42 13.98
C GLU C 98 -26.32 -2.92 12.75
N GLU C 99 -25.81 -3.33 11.58
CA GLU C 99 -26.33 -2.87 10.30
C GLU C 99 -27.65 -3.50 9.88
N ASP C 100 -27.96 -4.68 10.41
CA ASP C 100 -29.10 -5.47 9.94
C ASP C 100 -30.19 -5.61 11.00
N LYS C 101 -31.45 -5.37 10.60
CA LYS C 101 -32.53 -5.29 11.58
C LYS C 101 -32.75 -6.65 12.28
N HIS C 102 -32.70 -7.73 11.51
CA HIS C 102 -32.89 -9.06 12.04
C HIS C 102 -31.61 -9.84 11.93
N ALA C 103 -31.53 -10.95 12.65
CA ALA C 103 -30.38 -11.84 12.56
C ALA C 103 -30.30 -12.36 11.14
N ILE C 104 -29.08 -12.57 10.63
CA ILE C 104 -28.93 -13.24 9.35
C ILE C 104 -28.63 -14.70 9.61
N ILE C 105 -29.33 -15.57 8.91
CA ILE C 105 -29.15 -16.99 9.06
C ILE C 105 -28.38 -17.50 7.85
N VAL C 106 -27.22 -18.09 8.09
CA VAL C 106 -26.39 -18.60 7.02
C VAL C 106 -27.12 -19.74 6.29
N GLU C 107 -27.00 -19.78 4.96
CA GLU C 107 -27.60 -20.87 4.18
C GLU C 107 -27.08 -22.23 4.64
N PRO C 108 -27.94 -23.27 4.58
CA PRO C 108 -27.55 -24.60 5.00
C PRO C 108 -26.14 -25.05 4.59
N GLU C 109 -25.80 -24.91 3.31
CA GLU C 109 -24.57 -25.51 2.79
C GLU C 109 -23.27 -24.92 3.35
N LYS C 110 -23.37 -23.76 4.00
CA LYS C 110 -22.20 -23.06 4.52
C LYS C 110 -22.22 -22.95 6.06
N ARG C 111 -23.09 -23.73 6.71
CA ARG C 111 -23.33 -23.61 8.13
C ARG C 111 -22.27 -24.26 8.99
N GLY C 112 -21.84 -23.54 10.03
CA GLY C 112 -20.89 -24.05 11.02
C GLY C 112 -21.46 -23.76 12.40
N LYS C 113 -20.67 -23.93 13.46
CA LYS C 113 -21.24 -23.97 14.79
C LYS C 113 -21.38 -22.66 15.52
N TYR C 114 -20.76 -21.61 14.97
CA TYR C 114 -20.60 -20.35 15.70
C TYR C 114 -21.64 -19.28 15.37
N VAL C 115 -22.01 -18.51 16.39
CA VAL C 115 -22.88 -17.37 16.24
C VAL C 115 -21.95 -16.16 16.41
N VAL C 116 -22.07 -15.18 15.53
CA VAL C 116 -21.21 -14.00 15.66
C VAL C 116 -22.03 -12.73 15.66
N CYS C 117 -21.79 -11.91 16.67
CA CYS C 117 -22.39 -10.59 16.78
C CYS C 117 -21.29 -9.57 16.55
N PHE C 118 -21.57 -8.61 15.69
CA PHE C 118 -20.54 -7.61 15.38
C PHE C 118 -21.15 -6.28 15.02
N ASP C 119 -20.35 -5.24 15.26
CA ASP C 119 -20.54 -3.90 14.72
C ASP C 119 -19.46 -3.76 13.64
N PRO C 120 -19.83 -3.70 12.33
CA PRO C 120 -18.79 -3.74 11.31
C PRO C 120 -17.95 -2.43 11.21
N LEU C 121 -18.53 -1.30 11.58
CA LEU C 121 -17.85 -0.02 11.57
C LEU C 121 -18.45 0.86 12.67
N ASP C 122 -18.06 0.58 13.90
CA ASP C 122 -18.52 1.32 15.07
C ASP C 122 -17.89 2.71 15.01
N GLY C 123 -18.71 3.73 15.23
CA GLY C 123 -18.21 5.09 15.35
C GLY C 123 -18.37 5.84 14.06
N SER C 124 -18.72 5.09 13.02
CA SER C 124 -18.85 5.59 11.66
C SER C 124 -19.79 6.77 11.52
N SER C 125 -20.76 6.91 12.43
CA SER C 125 -21.68 8.06 12.34
C SER C 125 -20.90 9.40 12.25
N ASN C 126 -19.72 9.45 12.86
CA ASN C 126 -18.87 10.66 12.83
C ASN C 126 -17.57 10.55 12.03
N ILE C 127 -17.53 9.59 11.11
CA ILE C 127 -16.34 9.37 10.30
C ILE C 127 -16.05 10.56 9.36
N ASP C 128 -17.06 11.40 9.16
CA ASP C 128 -16.94 12.65 8.40
C ASP C 128 -15.80 13.53 8.96
N CYS C 129 -15.46 13.32 10.22
CA CYS C 129 -14.42 14.10 10.87
C CYS C 129 -13.16 13.28 11.09
N LEU C 130 -13.17 12.07 10.54
CA LEU C 130 -12.00 11.19 10.53
C LEU C 130 -11.61 10.72 11.95
N VAL C 131 -12.60 10.76 12.83
CA VAL C 131 -12.54 10.14 14.14
C VAL C 131 -12.13 8.68 13.95
N SER C 132 -11.33 8.15 14.87
CA SER C 132 -11.11 6.70 14.89
C SER C 132 -12.43 5.95 14.75
N VAL C 133 -12.46 4.93 13.90
CA VAL C 133 -13.58 3.98 13.90
C VAL C 133 -13.09 2.57 14.21
N GLY C 134 -14.00 1.63 14.39
CA GLY C 134 -13.58 0.28 14.74
C GLY C 134 -14.55 -0.79 14.28
N THR C 135 -14.05 -2.03 14.24
CA THR C 135 -14.91 -3.20 14.12
C THR C 135 -14.93 -4.00 15.43
N ILE C 136 -16.11 -4.29 15.96
CA ILE C 136 -16.20 -4.99 17.24
C ILE C 136 -16.85 -6.33 16.96
N PHE C 137 -16.36 -7.39 17.58
CA PHE C 137 -16.95 -8.70 17.37
C PHE C 137 -17.00 -9.55 18.63
N GLY C 138 -18.01 -10.41 18.70
CA GLY C 138 -18.20 -11.37 19.80
C GLY C 138 -18.61 -12.71 19.19
N ILE C 139 -17.99 -13.80 19.64
CA ILE C 139 -18.18 -15.11 19.00
C ILE C 139 -18.66 -16.16 20.00
N TYR C 140 -19.82 -16.75 19.73
CA TYR C 140 -20.44 -17.75 20.61
C TYR C 140 -20.55 -19.07 19.88
N ARG C 141 -20.48 -20.17 20.62
CA ARG C 141 -20.86 -21.48 20.06
C ARG C 141 -22.40 -21.56 20.09
N LYS C 142 -23.03 -21.99 19.00
CA LYS C 142 -24.48 -22.18 18.99
C LYS C 142 -24.84 -23.19 20.08
N LYS C 143 -25.74 -22.82 21.00
CA LYS C 143 -26.05 -23.65 22.16
C LYS C 143 -27.26 -24.58 21.92
N SER C 144 -28.26 -24.06 21.24
CA SER C 144 -29.49 -24.78 20.95
C SER C 144 -29.29 -25.77 19.81
N THR C 145 -30.03 -26.88 19.83
CA THR C 145 -30.02 -27.79 18.68
C THR C 145 -31.16 -27.49 17.72
N ASP C 146 -31.90 -26.42 18.00
CA ASP C 146 -32.99 -26.02 17.13
C ASP C 146 -32.51 -25.55 15.77
N GLU C 147 -33.44 -25.32 14.86
CA GLU C 147 -33.13 -24.67 13.63
C GLU C 147 -32.46 -23.32 13.95
N PRO C 148 -31.42 -22.92 13.20
CA PRO C 148 -30.76 -21.69 13.63
C PRO C 148 -31.70 -20.50 13.45
N SER C 149 -31.71 -19.60 14.42
CA SER C 149 -32.57 -18.42 14.36
C SER C 149 -31.95 -17.30 15.19
N GLU C 150 -32.64 -16.17 15.24
CA GLU C 150 -32.26 -15.03 16.06
C GLU C 150 -31.95 -15.39 17.54
N LYS C 151 -32.76 -16.30 18.11
CA LYS C 151 -32.59 -16.75 19.51
C LYS C 151 -31.18 -17.23 19.84
N ASP C 152 -30.45 -17.69 18.83
CA ASP C 152 -29.11 -18.21 19.06
C ASP C 152 -28.11 -17.11 19.48
N ALA C 153 -28.39 -15.86 19.12
CA ALA C 153 -27.53 -14.75 19.57
C ALA C 153 -27.97 -14.13 20.92
N LEU C 154 -28.98 -14.72 21.56
CA LEU C 154 -29.44 -14.15 22.84
C LEU C 154 -28.76 -14.81 24.04
N GLN C 155 -27.47 -15.08 23.91
CA GLN C 155 -26.67 -15.64 24.99
C GLN C 155 -26.00 -14.52 25.78
N PRO C 156 -25.87 -14.72 27.10
CA PRO C 156 -25.12 -13.79 27.92
C PRO C 156 -23.65 -13.81 27.52
N GLY C 157 -22.97 -12.70 27.73
CA GLY C 157 -21.59 -12.54 27.27
C GLY C 157 -20.62 -13.46 27.99
N ARG C 158 -21.09 -14.04 29.10
CA ARG C 158 -20.31 -14.99 29.88
C ARG C 158 -20.04 -16.22 29.03
N ASN C 159 -20.85 -16.40 27.98
CA ASN C 159 -20.80 -17.57 27.11
C ASN C 159 -19.85 -17.38 25.94
N LEU C 160 -19.36 -16.16 25.79
CA LEU C 160 -18.38 -15.83 24.75
C LEU C 160 -17.17 -16.76 24.68
N VAL C 161 -16.92 -17.23 23.46
CA VAL C 161 -15.76 -18.06 23.15
C VAL C 161 -14.53 -17.17 22.88
N ALA C 162 -14.78 -16.06 22.22
CA ALA C 162 -13.75 -15.12 21.87
C ALA C 162 -14.41 -13.82 21.44
N ALA C 163 -13.73 -12.72 21.69
CA ALA C 163 -14.24 -11.41 21.30
C ALA C 163 -13.10 -10.48 21.04
N GLY C 164 -13.42 -9.28 20.60
CA GLY C 164 -12.36 -8.34 20.32
C GLY C 164 -12.84 -7.23 19.42
N TYR C 165 -11.87 -6.50 18.92
CA TYR C 165 -12.15 -5.38 18.04
C TYR C 165 -10.94 -5.09 17.20
N ALA C 166 -11.18 -4.55 16.01
CA ALA C 166 -10.12 -3.83 15.25
C ALA C 166 -10.37 -2.34 15.34
N LEU C 167 -9.28 -1.61 15.51
CA LEU C 167 -9.32 -0.17 15.67
C LEU C 167 -8.61 0.37 14.47
N TYR C 168 -9.31 1.20 13.70
CA TYR C 168 -8.75 1.98 12.61
C TYR C 168 -8.43 3.42 13.18
N GLY C 169 -7.35 3.49 13.95
CA GLY C 169 -6.92 4.75 14.56
C GLY C 169 -5.71 5.23 13.78
N SER C 170 -4.72 5.80 14.47
CA SER C 170 -3.47 6.21 13.77
C SER C 170 -2.84 5.01 13.02
N ALA C 171 -2.91 3.83 13.63
CA ALA C 171 -2.60 2.59 12.93
C ALA C 171 -3.77 1.65 13.10
N THR C 172 -3.84 0.60 12.28
CA THR C 172 -4.88 -0.41 12.55
C THR C 172 -4.39 -1.49 13.51
N MET C 173 -5.20 -1.79 14.53
CA MET C 173 -4.87 -2.81 15.49
C MET C 173 -6.07 -3.71 15.77
N LEU C 174 -5.79 -5.00 15.78
CA LEU C 174 -6.77 -5.97 16.22
C LEU C 174 -6.40 -6.48 17.61
N VAL C 175 -7.38 -6.45 18.50
CA VAL C 175 -7.24 -6.89 19.88
C VAL C 175 -8.11 -8.15 20.01
N LEU C 176 -7.48 -9.27 20.32
CA LEU C 176 -8.21 -10.54 20.42
C LEU C 176 -8.18 -11.13 21.82
N ALA C 177 -9.38 -11.35 22.38
CA ALA C 177 -9.57 -11.90 23.70
C ALA C 177 -10.14 -13.32 23.64
N MET C 178 -9.43 -14.24 24.27
CA MET C 178 -9.86 -15.61 24.43
C MET C 178 -9.54 -16.03 25.84
N ASP C 179 -10.02 -17.22 26.20
CA ASP C 179 -9.68 -17.89 27.45
C ASP C 179 -8.18 -17.81 27.73
N CYS C 180 -7.35 -17.80 26.70
CA CYS C 180 -5.89 -17.72 26.90
C CYS C 180 -5.39 -16.31 27.20
N GLY C 181 -6.27 -15.31 27.18
CA GLY C 181 -5.85 -13.92 27.48
C GLY C 181 -6.14 -12.94 26.38
N VAL C 182 -5.60 -11.73 26.51
CA VAL C 182 -5.79 -10.68 25.51
C VAL C 182 -4.48 -10.45 24.78
N ASN C 183 -4.57 -10.46 23.46
CA ASN C 183 -3.41 -10.31 22.60
C ASN C 183 -3.70 -9.28 21.50
N CYS C 184 -2.68 -8.45 21.19
CA CYS C 184 -2.85 -7.29 20.34
C CYS C 184 -1.95 -7.35 19.12
N PHE C 185 -2.57 -7.27 17.96
CA PHE C 185 -1.84 -7.43 16.73
C PHE C 185 -1.92 -6.12 15.97
N MET C 186 -0.78 -5.68 15.44
CA MET C 186 -0.74 -4.51 14.59
C MET C 186 -0.76 -4.96 13.13
N LEU C 187 -1.66 -4.38 12.33
CA LEU C 187 -1.67 -4.64 10.94
C LEU C 187 -0.52 -3.83 10.31
N ASP C 188 0.32 -4.55 9.56
CA ASP C 188 1.37 -3.94 8.77
C ASP C 188 0.79 -3.85 7.38
N PRO C 189 0.46 -2.63 6.94
CA PRO C 189 -0.22 -2.52 5.66
C PRO C 189 0.73 -2.73 4.48
N ALA C 190 2.04 -2.82 4.71
CA ALA C 190 2.93 -3.08 3.60
C ALA C 190 2.81 -4.55 3.17
N ILE C 191 2.30 -5.40 4.05
CA ILE C 191 2.23 -6.81 3.78
C ILE C 191 0.89 -7.43 4.15
N GLY C 192 -0.04 -6.64 4.70
CA GLY C 192 -1.35 -7.15 5.04
C GLY C 192 -1.27 -8.31 6.02
N GLU C 193 -0.50 -8.09 7.09
CA GLU C 193 -0.26 -9.06 8.13
C GLU C 193 -0.45 -8.45 9.49
N PHE C 194 -1.19 -9.12 10.36
CA PHE C 194 -1.33 -8.68 11.75
C PHE C 194 -0.24 -9.29 12.59
N ILE C 195 0.58 -8.43 13.19
CA ILE C 195 1.81 -8.82 13.84
C ILE C 195 1.57 -8.72 15.34
N LEU C 196 1.83 -9.79 16.06
CA LEU C 196 1.68 -9.77 17.54
C LEU C 196 2.65 -8.80 18.17
N VAL C 197 2.13 -7.79 18.89
CA VAL C 197 3.01 -6.73 19.46
C VAL C 197 2.90 -6.64 20.97
N ASP C 198 1.74 -7.04 21.48
CA ASP C 198 1.45 -7.05 22.91
C ASP C 198 0.75 -8.35 23.29
N LYS C 199 1.39 -9.08 24.19
CA LYS C 199 1.02 -10.43 24.54
C LYS C 199 0.36 -10.40 25.89
N ASP C 200 -0.58 -11.32 26.12
CA ASP C 200 -1.22 -11.50 27.44
C ASP C 200 -1.40 -10.19 28.23
N VAL C 201 -2.07 -9.26 27.60
CA VAL C 201 -2.20 -7.89 28.09
C VAL C 201 -3.15 -7.81 29.28
N LYS C 202 -2.74 -7.04 30.29
CA LYS C 202 -3.51 -6.77 31.50
C LYS C 202 -3.69 -5.26 31.69
N ILE C 203 -4.86 -4.85 32.15
CA ILE C 203 -5.14 -3.46 32.40
C ILE C 203 -4.53 -3.06 33.74
N LYS C 204 -4.11 -1.79 33.85
CA LYS C 204 -3.65 -1.25 35.10
C LYS C 204 -4.72 -1.42 36.17
N LYS C 205 -4.28 -1.68 37.42
CA LYS C 205 -5.21 -1.87 38.53
C LYS C 205 -5.98 -0.57 38.78
N LYS C 206 -5.33 0.57 38.56
CA LYS C 206 -6.01 1.86 38.73
C LYS C 206 -5.40 2.84 37.73
N GLY C 207 -6.25 3.65 37.11
CA GLY C 207 -5.78 4.62 36.14
C GLY C 207 -6.00 6.05 36.60
N LYS C 208 -5.95 6.97 35.66
CA LYS C 208 -5.91 8.40 35.97
C LYS C 208 -6.66 9.21 34.89
N ILE C 209 -7.54 8.50 34.19
CA ILE C 209 -8.36 9.09 33.14
C ILE C 209 -9.78 8.55 33.27
N TYR C 210 -10.76 9.43 33.11
CA TYR C 210 -12.16 9.02 33.07
C TYR C 210 -12.75 9.43 31.75
N SER C 211 -13.63 8.60 31.21
CA SER C 211 -14.09 8.83 29.86
C SER C 211 -15.60 8.72 29.74
N LEU C 212 -16.26 9.85 29.46
CA LEU C 212 -17.71 9.89 29.19
C LEU C 212 -18.12 11.23 28.63
N ASN C 213 -19.29 11.25 27.97
CA ASN C 213 -19.91 12.48 27.49
C ASN C 213 -20.53 13.26 28.65
N GLU C 214 -19.80 14.26 29.17
CA GLU C 214 -20.34 15.05 30.29
C GLU C 214 -21.40 16.03 29.76
N GLY C 215 -21.67 15.97 28.46
CA GLY C 215 -22.69 16.81 27.86
C GLY C 215 -24.07 16.43 28.38
N TYR C 216 -24.13 15.22 28.96
CA TYR C 216 -25.36 14.68 29.53
C TYR C 216 -25.43 14.87 31.03
N ALA C 217 -24.57 15.73 31.56
CA ALA C 217 -24.48 16.03 32.99
C ALA C 217 -25.84 16.26 33.65
N LYS C 218 -26.75 16.94 32.95
CA LYS C 218 -28.07 17.28 33.51
C LYS C 218 -28.91 16.02 33.70
N ASP C 219 -28.52 14.96 33.00
CA ASP C 219 -29.32 13.74 32.93
C ASP C 219 -28.78 12.65 33.82
N PHE C 220 -27.62 12.87 34.42
CA PHE C 220 -26.99 11.81 35.19
C PHE C 220 -27.70 11.57 36.51
N ASP C 221 -27.80 10.30 36.84
CA ASP C 221 -28.25 9.88 38.15
C ASP C 221 -27.19 10.36 39.17
N PRO C 222 -27.59 10.47 40.43
CA PRO C 222 -26.62 11.04 41.37
C PRO C 222 -25.34 10.22 41.55
N ALA C 223 -25.39 8.91 41.32
CA ALA C 223 -24.19 8.07 41.45
C ALA C 223 -23.11 8.51 40.45
N VAL C 224 -23.44 8.55 39.17
CA VAL C 224 -22.50 9.08 38.17
C VAL C 224 -22.02 10.49 38.54
N THR C 225 -22.95 11.36 38.93
CA THR C 225 -22.60 12.73 39.26
C THR C 225 -21.55 12.81 40.38
N GLU C 226 -21.78 12.05 41.46
CA GLU C 226 -20.84 12.05 42.58
C GLU C 226 -19.51 11.45 42.14
N TYR C 227 -19.53 10.36 41.39
CA TYR C 227 -18.29 9.70 40.98
C TYR C 227 -17.36 10.66 40.21
N ILE C 228 -17.94 11.39 39.27
CA ILE C 228 -17.20 12.32 38.44
C ILE C 228 -16.71 13.51 39.24
N GLN C 229 -17.48 13.90 40.26
CA GLN C 229 -17.07 14.98 41.15
C GLN C 229 -15.84 14.52 41.95
N ARG C 230 -15.83 13.24 42.32
CA ARG C 230 -14.66 12.63 42.95
C ARG C 230 -13.42 12.66 42.07
N LYS C 231 -13.61 12.49 40.77
CA LYS C 231 -12.48 12.45 39.84
C LYS C 231 -11.88 13.83 39.61
N LYS C 232 -12.70 14.88 39.77
CA LYS C 232 -12.25 16.26 39.49
C LYS C 232 -11.76 16.95 40.75
N PHE C 233 -12.44 16.65 41.86
CA PHE C 233 -12.13 17.22 43.15
C PHE C 233 -11.94 16.08 44.14
N PRO C 234 -10.82 15.35 44.05
CA PRO C 234 -10.60 14.13 44.84
C PRO C 234 -10.65 14.40 46.34
N PRO C 235 -11.38 13.56 47.08
CA PRO C 235 -11.62 13.76 48.49
C PRO C 235 -10.35 13.64 49.31
N ASP C 236 -9.38 12.87 48.79
CA ASP C 236 -8.13 12.61 49.50
C ASP C 236 -7.07 13.61 49.08
N ASN C 237 -7.52 14.63 48.35
CA ASN C 237 -6.66 15.62 47.74
C ASN C 237 -5.51 15.10 46.88
N SER C 238 -5.68 13.89 46.32
CA SER C 238 -4.78 13.45 45.25
C SER C 238 -5.02 14.30 43.99
N ALA C 239 -4.28 14.04 42.92
CA ALA C 239 -4.43 14.75 41.67
C ALA C 239 -5.73 14.36 40.99
N PRO C 240 -6.40 15.33 40.35
CA PRO C 240 -7.61 15.02 39.61
C PRO C 240 -7.27 14.18 38.39
N TYR C 241 -8.21 13.33 38.01
CA TYR C 241 -8.07 12.50 36.83
C TYR C 241 -8.16 13.41 35.61
N GLY C 242 -7.53 13.01 34.51
CA GLY C 242 -7.68 13.73 33.25
C GLY C 242 -8.91 13.18 32.56
N ALA C 243 -9.42 13.94 31.60
CA ALA C 243 -10.60 13.54 30.84
C ALA C 243 -10.23 13.30 29.38
N ARG C 244 -10.72 12.20 28.80
CA ARG C 244 -10.67 11.96 27.37
C ARG C 244 -12.01 11.36 26.94
N TYR C 245 -12.50 11.78 25.78
CA TYR C 245 -13.71 11.25 25.24
C TYR C 245 -13.79 11.44 23.72
N VAL C 246 -13.37 10.40 22.98
CA VAL C 246 -13.39 10.43 21.53
C VAL C 246 -14.81 10.43 21.01
N GLY C 247 -15.68 9.62 21.64
CA GLY C 247 -17.05 9.48 21.19
C GLY C 247 -17.17 8.37 20.19
N SER C 248 -16.12 7.56 20.15
CA SER C 248 -16.07 6.36 19.37
C SER C 248 -15.58 5.30 20.33
N MET C 249 -16.39 4.26 20.48
CA MET C 249 -16.24 3.34 21.59
C MET C 249 -14.96 2.55 21.52
N VAL C 250 -14.61 2.07 20.31
CA VAL C 250 -13.37 1.33 20.13
C VAL C 250 -12.20 2.16 20.59
N ALA C 251 -12.21 3.44 20.17
CA ALA C 251 -11.14 4.35 20.50
C ALA C 251 -10.98 4.58 22.01
N ASP C 252 -12.10 4.82 22.67
CA ASP C 252 -12.12 5.05 24.12
C ASP C 252 -11.80 3.81 24.92
N VAL C 253 -12.38 2.68 24.53
CA VAL C 253 -12.07 1.44 25.21
C VAL C 253 -10.60 1.01 25.04
N HIS C 254 -10.06 1.15 23.83
CA HIS C 254 -8.65 0.83 23.62
C HIS C 254 -7.73 1.64 24.50
N ARG C 255 -7.91 2.95 24.47
CA ARG C 255 -7.18 3.81 25.38
C ARG C 255 -7.26 3.33 26.83
N THR C 256 -8.48 3.01 27.27
CA THR C 256 -8.73 2.59 28.66
C THR C 256 -7.96 1.32 28.96
N LEU C 257 -7.96 0.40 28.01
CA LEU C 257 -7.19 -0.83 28.15
C LEU C 257 -5.68 -0.52 28.24
N VAL C 258 -5.19 0.37 27.39
CA VAL C 258 -3.76 0.65 27.26
C VAL C 258 -3.25 1.52 28.39
N TYR C 259 -3.97 2.59 28.70
CA TYR C 259 -3.54 3.51 29.77
C TYR C 259 -4.20 3.34 31.14
N GLY C 260 -5.24 2.51 31.21
CA GLY C 260 -5.99 2.33 32.44
C GLY C 260 -7.06 3.38 32.56
N GLY C 261 -7.88 3.28 33.59
CA GLY C 261 -8.86 4.32 33.81
C GLY C 261 -10.26 3.77 33.74
N ILE C 262 -11.21 4.62 33.35
CA ILE C 262 -12.60 4.19 33.39
C ILE C 262 -13.38 4.79 32.28
N PHE C 263 -14.26 3.98 31.68
CA PHE C 263 -15.08 4.46 30.54
C PHE C 263 -16.55 4.36 30.94
N LEU C 264 -17.33 5.38 30.62
CA LEU C 264 -18.73 5.36 31.03
C LEU C 264 -19.68 5.80 29.95
N TYR C 265 -20.72 5.01 29.74
CA TYR C 265 -21.90 5.45 29.01
C TYR C 265 -23.18 5.05 29.76
N PRO C 266 -23.53 5.84 30.81
CA PRO C 266 -24.68 5.54 31.61
C PRO C 266 -25.99 5.79 30.84
N ALA C 267 -27.09 5.31 31.39
CA ALA C 267 -28.42 5.69 30.92
C ALA C 267 -28.63 7.20 30.99
N ASN C 268 -29.35 7.75 30.02
CA ASN C 268 -29.77 9.13 30.08
C ASN C 268 -31.21 9.23 29.62
N LYS C 269 -31.80 10.42 29.66
CA LYS C 269 -33.21 10.61 29.32
C LYS C 269 -33.53 10.19 27.90
N LYS C 270 -32.59 10.39 26.98
CA LYS C 270 -32.74 9.89 25.61
C LYS C 270 -32.48 8.37 25.51
N SER C 271 -31.66 7.84 26.40
CA SER C 271 -31.31 6.42 26.35
C SER C 271 -31.51 5.82 27.74
N PRO C 272 -32.77 5.58 28.14
CA PRO C 272 -33.03 5.19 29.53
C PRO C 272 -32.56 3.76 29.85
N ASN C 273 -32.33 2.98 28.82
CA ASN C 273 -31.74 1.66 28.95
C ASN C 273 -30.27 1.70 28.59
N GLY C 274 -29.63 2.87 28.70
CA GLY C 274 -28.28 3.04 28.16
C GLY C 274 -28.32 3.25 26.66
N LYS C 275 -27.17 3.57 26.06
CA LYS C 275 -27.10 3.91 24.62
C LYS C 275 -26.41 2.82 23.80
N LEU C 276 -25.35 2.24 24.37
CA LEU C 276 -24.58 1.24 23.63
C LEU C 276 -25.32 -0.11 23.57
N ARG C 277 -25.03 -0.89 22.54
CA ARG C 277 -25.72 -2.12 22.26
C ARG C 277 -25.03 -3.23 22.99
N LEU C 278 -25.83 -4.00 23.72
CA LEU C 278 -25.31 -5.10 24.52
C LEU C 278 -24.58 -6.16 23.70
N LEU C 279 -25.21 -6.64 22.61
CA LEU C 279 -24.69 -7.83 21.93
C LEU C 279 -23.36 -7.61 21.31
N TYR C 280 -23.18 -6.47 20.66
CA TYR C 280 -22.03 -6.28 19.80
C TYR C 280 -21.19 -5.06 20.15
N GLU C 281 -21.50 -4.36 21.25
CA GLU C 281 -20.61 -3.34 21.78
C GLU C 281 -20.21 -3.69 23.20
N CYS C 282 -21.15 -3.63 24.15
CA CYS C 282 -20.88 -3.98 25.55
C CYS C 282 -20.30 -5.36 25.82
N ASN C 283 -20.98 -6.43 25.39
CA ASN C 283 -20.44 -7.77 25.65
C ASN C 283 -18.99 -8.00 25.16
N PRO C 284 -18.70 -7.76 23.87
CA PRO C 284 -17.31 -7.97 23.43
C PRO C 284 -16.30 -7.15 24.23
N MET C 285 -16.58 -5.88 24.50
CA MET C 285 -15.64 -5.05 25.27
C MET C 285 -15.49 -5.53 26.72
N ALA C 286 -16.60 -5.93 27.31
CA ALA C 286 -16.61 -6.44 28.72
C ALA C 286 -15.80 -7.72 28.82
N TYR C 287 -15.88 -8.53 27.78
CA TYR C 287 -15.16 -9.77 27.68
C TYR C 287 -13.67 -9.48 27.59
N VAL C 288 -13.29 -8.53 26.72
CA VAL C 288 -11.87 -8.13 26.57
C VAL C 288 -11.36 -7.59 27.92
N MET C 289 -12.16 -6.71 28.52
CA MET C 289 -11.83 -6.12 29.83
C MET C 289 -11.62 -7.19 30.89
N GLU C 290 -12.59 -8.10 31.03
CA GLU C 290 -12.46 -9.12 32.09
C GLU C 290 -11.24 -10.02 31.88
N LYS C 291 -10.95 -10.33 30.62
CA LYS C 291 -9.80 -11.16 30.29
C LYS C 291 -8.48 -10.46 30.61
N ALA C 292 -8.49 -9.13 30.62
CA ALA C 292 -7.30 -8.36 30.89
C ALA C 292 -7.25 -7.93 32.34
N GLY C 293 -8.15 -8.46 33.17
CA GLY C 293 -8.13 -8.13 34.62
C GLY C 293 -8.98 -6.94 35.00
N GLY C 294 -9.77 -6.44 34.07
CA GLY C 294 -10.62 -5.29 34.34
C GLY C 294 -12.05 -5.70 34.61
N MET C 295 -12.93 -4.73 34.66
CA MET C 295 -14.32 -5.02 34.99
C MET C 295 -15.23 -4.30 34.02
N ALA C 296 -16.46 -4.78 33.85
CA ALA C 296 -17.46 -3.99 33.13
C ALA C 296 -18.83 -4.27 33.73
N THR C 297 -19.53 -3.20 34.10
CA THR C 297 -20.80 -3.32 34.80
C THR C 297 -21.87 -2.41 34.18
N THR C 298 -23.14 -2.77 34.36
CA THR C 298 -24.26 -1.91 34.02
C THR C 298 -24.55 -0.93 35.18
N GLY C 299 -23.90 -1.16 36.31
CA GLY C 299 -24.23 -0.46 37.58
C GLY C 299 -24.92 -1.43 38.53
N LYS C 300 -25.77 -2.29 37.99
CA LYS C 300 -26.45 -3.33 38.78
C LYS C 300 -25.80 -4.70 38.71
N GLU C 301 -25.07 -4.96 37.63
CA GLU C 301 -24.57 -6.33 37.36
C GLU C 301 -23.53 -6.33 36.28
N ALA C 302 -22.67 -7.35 36.31
CA ALA C 302 -21.64 -7.46 35.30
C ALA C 302 -22.33 -7.53 33.93
N VAL C 303 -21.82 -6.72 32.99
CA VAL C 303 -22.31 -6.75 31.61
C VAL C 303 -22.48 -8.18 31.10
N LEU C 304 -21.52 -9.03 31.43
CA LEU C 304 -21.47 -10.37 30.88
C LEU C 304 -22.58 -11.28 31.43
N ASP C 305 -23.22 -10.85 32.52
CA ASP C 305 -24.27 -11.62 33.14
C ASP C 305 -25.67 -11.29 32.59
N VAL C 306 -25.85 -10.11 32.02
CA VAL C 306 -27.14 -9.75 31.43
C VAL C 306 -27.62 -10.80 30.42
N ILE C 307 -28.90 -11.17 30.51
CA ILE C 307 -29.47 -12.16 29.60
C ILE C 307 -30.33 -11.38 28.63
N PRO C 308 -29.86 -11.30 27.36
CA PRO C 308 -30.48 -10.60 26.26
C PRO C 308 -31.88 -11.13 26.00
N THR C 309 -32.76 -10.25 25.54
CA THR C 309 -34.04 -10.67 25.07
C THR C 309 -34.22 -10.19 23.64
N ASP C 310 -33.39 -9.23 23.24
CA ASP C 310 -33.54 -8.58 21.93
C ASP C 310 -32.13 -8.30 21.37
N ILE C 311 -31.90 -8.60 20.10
CA ILE C 311 -30.55 -8.52 19.52
C ILE C 311 -29.96 -7.09 19.49
N HIS C 312 -30.82 -6.08 19.34
CA HIS C 312 -30.33 -4.70 19.31
C HIS C 312 -30.60 -3.97 20.63
N GLN C 313 -30.77 -4.72 21.69
CA GLN C 313 -31.08 -4.10 22.96
C GLN C 313 -29.84 -3.39 23.50
N ARG C 314 -30.08 -2.31 24.21
CA ARG C 314 -29.04 -1.47 24.75
C ARG C 314 -28.76 -1.74 26.22
N ALA C 315 -27.54 -1.44 26.65
CA ALA C 315 -27.20 -1.49 28.05
C ALA C 315 -26.36 -0.30 28.46
N PRO C 316 -26.50 0.12 29.72
CA PRO C 316 -25.57 1.06 30.32
C PRO C 316 -24.26 0.32 30.64
N VAL C 317 -23.13 1.01 30.58
CA VAL C 317 -21.84 0.35 30.77
C VAL C 317 -20.84 1.24 31.51
N ILE C 318 -20.12 0.64 32.46
CA ILE C 318 -18.99 1.29 33.16
C ILE C 318 -17.91 0.23 33.16
N LEU C 319 -16.79 0.52 32.52
CA LEU C 319 -15.75 -0.50 32.36
C LEU C 319 -14.37 0.10 32.47
N GLY C 320 -13.37 -0.77 32.65
CA GLY C 320 -12.03 -0.27 32.88
C GLY C 320 -11.30 -0.89 34.06
N SER C 321 -10.35 -0.14 34.57
CA SER C 321 -9.51 -0.63 35.66
C SER C 321 -10.35 -1.06 36.86
N PRO C 322 -9.95 -2.14 37.53
CA PRO C 322 -10.78 -2.72 38.55
C PRO C 322 -10.98 -1.81 39.75
N ASP C 323 -9.98 -1.00 40.09
CA ASP C 323 -10.07 -0.13 41.27
C ASP C 323 -10.99 1.05 40.99
N ASP C 324 -11.17 1.36 39.71
CA ASP C 324 -11.99 2.50 39.29
C ASP C 324 -13.46 2.10 39.21
N VAL C 325 -13.71 0.95 38.58
CA VAL C 325 -15.06 0.44 38.53
C VAL C 325 -15.57 0.15 39.94
N LEU C 326 -14.77 -0.53 40.77
CA LEU C 326 -15.11 -0.76 42.20
C LEU C 326 -15.40 0.53 42.97
N GLU C 327 -14.60 1.57 42.73
CA GLU C 327 -14.84 2.87 43.36
C GLU C 327 -16.16 3.42 42.86
N PHE C 328 -16.44 3.21 41.58
CA PHE C 328 -17.73 3.63 41.08
C PHE C 328 -18.87 2.83 41.74
N LEU C 329 -18.68 1.55 41.97
CA LEU C 329 -19.78 0.74 42.53
C LEU C 329 -19.98 0.96 44.04
N LYS C 330 -18.95 1.41 44.74
CA LYS C 330 -19.10 1.83 46.13
C LYS C 330 -20.03 3.05 46.20
N VAL C 331 -19.78 4.02 45.32
CA VAL C 331 -20.65 5.18 45.12
C VAL C 331 -22.07 4.78 44.67
N TYR C 332 -22.16 3.85 43.73
CA TYR C 332 -23.46 3.40 43.24
C TYR C 332 -24.25 2.80 44.40
N GLU C 333 -23.60 1.91 45.15
CA GLU C 333 -24.18 1.32 46.37
C GLU C 333 -24.64 2.35 47.40
N LYS C 334 -23.91 3.47 47.47
CA LYS C 334 -24.21 4.55 48.40
C LYS C 334 -25.55 5.17 48.05
N HIS C 335 -25.76 5.45 46.77
CA HIS C 335 -27.05 5.95 46.33
C HIS C 335 -28.08 4.83 46.15
N SER C 336 -27.79 3.69 46.79
CA SER C 336 -28.64 2.50 46.80
C SER C 336 -28.69 1.81 45.44
N ALA C 337 -29.56 2.05 44.60
N ASP D 10 -13.82 18.33 -12.67
CA ASP D 10 -12.54 17.59 -12.89
C ASP D 10 -11.91 17.15 -11.57
N VAL D 11 -11.36 15.94 -11.56
CA VAL D 11 -10.46 15.50 -10.45
C VAL D 11 -9.35 16.53 -10.20
N ASN D 12 -9.14 16.86 -8.92
CA ASN D 12 -8.16 17.85 -8.49
C ASN D 12 -7.29 17.26 -7.40
N THR D 13 -5.98 17.34 -7.57
CA THR D 13 -5.07 16.86 -6.56
C THR D 13 -4.39 18.09 -5.95
N LEU D 14 -3.58 17.87 -4.91
CA LEU D 14 -2.89 18.96 -4.27
C LEU D 14 -1.85 19.57 -5.20
N THR D 15 -1.09 18.70 -5.87
CA THR D 15 -0.08 19.11 -6.85
C THR D 15 -0.69 19.94 -7.95
N ARG D 16 -1.84 19.52 -8.46
CA ARG D 16 -2.53 20.35 -9.43
C ARG D 16 -3.04 21.63 -8.74
N PHE D 17 -3.65 21.48 -7.57
CA PHE D 17 -4.32 22.63 -6.95
C PHE D 17 -3.37 23.80 -6.69
N VAL D 18 -2.27 23.52 -5.98
CA VAL D 18 -1.29 24.53 -5.64
C VAL D 18 -0.70 25.20 -6.89
N MET D 19 -0.50 24.40 -7.93
CA MET D 19 0.13 24.88 -9.16
C MET D 19 -0.80 25.84 -9.92
N GLU D 20 -2.10 25.62 -9.85
CA GLU D 20 -3.04 26.52 -10.52
C GLU D 20 -3.24 27.81 -9.73
N GLU D 21 -3.12 27.72 -8.40
CA GLU D 21 -3.19 28.92 -7.57
C GLU D 21 -1.97 29.80 -7.77
N GLY D 22 -0.81 29.16 -7.98
CA GLY D 22 0.43 29.88 -8.23
C GLY D 22 0.37 30.67 -9.52
N ARG D 23 -0.16 30.01 -10.56
CA ARG D 23 -0.30 30.62 -11.89
C ARG D 23 -1.32 31.76 -11.92
N LYS D 24 -2.35 31.68 -11.10
CA LYS D 24 -3.28 32.80 -10.91
C LYS D 24 -2.51 33.97 -10.29
N ALA D 25 -1.73 33.68 -9.25
CA ALA D 25 -1.01 34.70 -8.50
C ALA D 25 0.28 35.15 -9.19
N ARG D 26 0.51 34.62 -10.39
CA ARG D 26 1.71 34.96 -11.18
C ARG D 26 2.97 34.68 -10.38
N GLY D 27 2.88 33.72 -9.46
CA GLY D 27 4.01 33.36 -8.59
C GLY D 27 5.14 32.59 -9.28
N THR D 28 6.31 32.56 -8.65
CA THR D 28 7.52 31.94 -9.23
C THR D 28 7.56 30.42 -9.12
N GLY D 29 6.73 29.87 -8.26
CA GLY D 29 6.70 28.42 -8.00
C GLY D 29 7.36 28.00 -6.69
N GLU D 30 7.97 28.94 -5.98
CA GLU D 30 8.70 28.65 -4.75
C GLU D 30 7.77 28.16 -3.64
N LEU D 31 6.55 28.69 -3.58
CA LEU D 31 5.62 28.25 -2.55
C LEU D 31 5.09 26.84 -2.90
N THR D 32 4.82 26.65 -4.18
CA THR D 32 4.52 25.36 -4.74
C THR D 32 5.60 24.31 -4.46
N GLN D 33 6.86 24.62 -4.73
CA GLN D 33 7.95 23.68 -4.33
C GLN D 33 7.96 23.36 -2.85
N LEU D 34 7.65 24.36 -2.01
CA LEU D 34 7.55 24.14 -0.57
C LEU D 34 6.42 23.17 -0.23
N LEU D 35 5.23 23.46 -0.73
CA LEU D 35 4.05 22.70 -0.41
C LEU D 35 4.12 21.26 -0.93
N ASN D 36 4.64 21.08 -2.13
CA ASN D 36 4.89 19.71 -2.67
C ASN D 36 5.83 18.93 -1.76
N SER D 37 6.90 19.57 -1.32
CA SER D 37 7.87 18.92 -0.41
C SER D 37 7.22 18.54 0.92
N LEU D 38 6.45 19.46 1.49
CA LEU D 38 5.65 19.26 2.70
C LEU D 38 4.72 18.08 2.56
N CYS D 39 3.96 18.05 1.46
CA CYS D 39 3.00 17.01 1.17
C CYS D 39 3.74 15.69 1.00
N THR D 40 4.91 15.71 0.34
CA THR D 40 5.77 14.52 0.31
C THR D 40 6.13 14.01 1.72
N ALA D 41 6.44 14.94 2.64
CA ALA D 41 6.76 14.58 4.01
C ALA D 41 5.54 13.96 4.68
N VAL D 42 4.37 14.54 4.44
CA VAL D 42 3.14 14.07 5.08
C VAL D 42 2.81 12.65 4.63
N LYS D 43 3.01 12.34 3.36
CA LYS D 43 2.72 10.97 2.91
C LYS D 43 3.63 9.97 3.61
N ALA D 44 4.88 10.40 3.81
CA ALA D 44 5.86 9.56 4.49
C ALA D 44 5.54 9.38 6.00
N ILE D 45 5.10 10.45 6.65
CA ILE D 45 4.73 10.37 8.06
C ILE D 45 3.50 9.44 8.16
N SER D 46 2.56 9.63 7.24
CA SER D 46 1.38 8.82 7.22
C SER D 46 1.77 7.36 7.07
N SER D 47 2.71 7.05 6.19
CA SER D 47 3.08 5.67 6.02
C SER D 47 3.67 5.08 7.31
N ALA D 48 4.46 5.87 8.01
CA ALA D 48 5.08 5.42 9.27
C ALA D 48 4.11 5.33 10.47
N VAL D 49 3.13 6.22 10.51
CA VAL D 49 2.13 6.25 11.57
C VAL D 49 1.23 5.04 11.43
N ARG D 50 0.86 4.70 10.20
CA ARG D 50 0.03 3.52 9.96
C ARG D 50 0.83 2.21 10.07
N LYS D 51 2.11 2.35 10.41
CA LYS D 51 2.99 1.24 10.76
C LYS D 51 3.39 0.34 9.60
N ALA D 52 3.50 0.88 8.40
CA ALA D 52 4.08 0.09 7.31
C ALA D 52 5.48 -0.36 7.73
N GLY D 53 5.79 -1.63 7.50
CA GLY D 53 7.15 -2.14 7.82
C GLY D 53 7.37 -2.61 9.25
N ILE D 54 6.33 -2.54 10.08
CA ILE D 54 6.44 -2.91 11.48
C ILE D 54 6.81 -4.39 11.67
N ALA D 55 6.44 -5.22 10.71
CA ALA D 55 6.84 -6.64 10.70
C ALA D 55 8.36 -6.84 10.83
N HIS D 56 9.15 -5.94 10.26
CA HIS D 56 10.61 -6.04 10.33
C HIS D 56 11.17 -5.72 11.71
N LEU D 57 10.56 -4.75 12.40
CA LEU D 57 10.92 -4.42 13.78
C LEU D 57 10.71 -5.60 14.69
N TYR D 58 9.76 -6.46 14.32
CA TYR D 58 9.38 -7.55 15.16
C TYR D 58 9.86 -8.88 14.58
N GLY D 59 10.88 -8.80 13.70
CA GLY D 59 11.70 -9.97 13.38
C GLY D 59 11.24 -10.92 12.30
N ILE D 60 10.34 -10.47 11.42
CA ILE D 60 9.94 -11.27 10.27
C ILE D 60 11.15 -11.75 9.43
N ALA D 61 12.20 -10.93 9.38
CA ALA D 61 13.43 -11.32 8.66
C ALA D 61 14.56 -11.78 9.59
N GLY D 62 14.21 -12.18 10.82
CA GLY D 62 15.18 -12.78 11.75
C GLY D 62 15.43 -12.04 13.06
N LYS D 73 10.81 7.66 18.77
CA LYS D 73 11.22 7.41 17.42
C LYS D 73 10.28 7.99 16.37
N LEU D 74 8.99 7.70 16.47
CA LEU D 74 8.04 8.19 15.45
C LEU D 74 7.96 9.72 15.33
N ASP D 75 8.04 10.41 16.46
CA ASP D 75 7.96 11.87 16.43
C ASP D 75 9.23 12.47 15.86
N VAL D 76 10.35 11.76 16.08
CA VAL D 76 11.69 12.14 15.61
C VAL D 76 11.83 11.90 14.12
N LEU D 77 11.42 10.71 13.67
CA LEU D 77 11.33 10.43 12.28
C LEU D 77 10.48 11.48 11.57
N SER D 78 9.27 11.76 12.08
CA SER D 78 8.38 12.77 11.50
C SER D 78 9.06 14.14 11.40
N ASN D 79 9.78 14.50 12.44
CA ASN D 79 10.58 15.69 12.46
C ASN D 79 11.62 15.62 11.38
N ASP D 80 12.35 14.52 11.30
CA ASP D 80 13.43 14.40 10.28
C ASP D 80 12.90 14.51 8.86
N LEU D 81 11.71 13.94 8.65
CA LEU D 81 11.06 13.94 7.33
C LEU D 81 10.71 15.36 6.91
N VAL D 82 9.97 16.07 7.76
CA VAL D 82 9.55 17.44 7.47
C VAL D 82 10.77 18.34 7.28
N MET D 83 11.71 18.26 8.22
CA MET D 83 12.95 19.04 8.18
C MET D 83 13.73 18.78 6.89
N ASN D 84 13.83 17.54 6.45
CA ASN D 84 14.68 17.25 5.29
C ASN D 84 14.04 17.61 3.97
N MET D 85 12.73 17.41 3.88
CA MET D 85 11.97 17.81 2.69
C MET D 85 11.95 19.32 2.56
N LEU D 86 11.70 20.03 3.67
CA LEU D 86 11.65 21.48 3.62
C LEU D 86 13.01 22.08 3.26
N LYS D 87 14.07 21.67 3.95
CA LYS D 87 15.42 22.15 3.59
C LYS D 87 15.71 21.97 2.11
N SER D 88 15.42 20.79 1.60
CA SER D 88 15.75 20.45 0.24
C SER D 88 14.76 21.02 -0.80
N SER D 89 13.72 21.70 -0.34
CA SER D 89 12.77 22.34 -1.25
C SER D 89 13.35 23.58 -1.95
N PHE D 90 14.47 24.07 -1.41
CA PHE D 90 15.11 25.33 -1.80
C PHE D 90 14.19 26.56 -1.63
N ALA D 91 13.14 26.43 -0.82
CA ALA D 91 12.17 27.48 -0.61
C ALA D 91 12.13 28.00 0.84
N THR D 92 12.93 27.44 1.73
CA THR D 92 12.90 27.86 3.14
C THR D 92 14.24 28.39 3.59
N CYS D 93 14.22 29.12 4.71
CA CYS D 93 15.47 29.66 5.24
C CYS D 93 15.56 29.45 6.75
N VAL D 94 14.41 29.36 7.41
CA VAL D 94 14.32 29.24 8.87
C VAL D 94 13.19 28.23 9.22
N LEU D 95 13.52 27.24 10.02
CA LEU D 95 12.57 26.17 10.37
C LEU D 95 12.46 26.07 11.87
N VAL D 96 11.22 26.19 12.35
CA VAL D 96 10.95 26.12 13.78
C VAL D 96 10.06 24.89 13.98
N SER D 97 10.54 23.97 14.81
CA SER D 97 9.79 22.75 15.12
C SER D 97 9.60 22.58 16.61
N GLU D 98 8.42 22.13 16.96
CA GLU D 98 8.13 21.74 18.32
C GLU D 98 9.25 20.86 18.86
N GLU D 99 9.88 20.07 17.97
CA GLU D 99 10.86 19.05 18.40
C GLU D 99 12.27 19.56 18.65
N ASP D 100 12.52 20.82 18.31
CA ASP D 100 13.87 21.39 18.29
C ASP D 100 13.94 22.65 19.16
N LYS D 101 14.91 22.68 20.08
CA LYS D 101 15.03 23.71 21.08
C LYS D 101 15.24 25.05 20.42
N HIS D 102 16.12 25.09 19.43
CA HIS D 102 16.40 26.31 18.68
C HIS D 102 15.77 26.27 17.31
N ALA D 103 15.59 27.44 16.72
CA ALA D 103 15.30 27.48 15.26
C ALA D 103 16.44 26.87 14.44
N ILE D 104 16.08 26.11 13.41
CA ILE D 104 17.02 25.56 12.43
C ILE D 104 17.19 26.56 11.29
N ILE D 105 18.43 26.96 11.03
CA ILE D 105 18.73 27.87 9.97
C ILE D 105 19.12 27.02 8.79
N VAL D 106 18.46 27.23 7.67
CA VAL D 106 18.79 26.47 6.46
C VAL D 106 20.18 26.88 5.95
N GLU D 107 20.92 25.92 5.37
CA GLU D 107 22.23 26.18 4.77
C GLU D 107 22.09 27.17 3.65
N PRO D 108 23.05 28.12 3.54
CA PRO D 108 23.02 29.18 2.55
C PRO D 108 22.60 28.71 1.17
N GLU D 109 23.15 27.59 0.71
CA GLU D 109 22.90 27.11 -0.63
C GLU D 109 21.49 26.60 -0.84
N LYS D 110 20.77 26.35 0.26
CA LYS D 110 19.41 25.81 0.14
C LYS D 110 18.32 26.78 0.55
N ARG D 111 18.70 28.05 0.73
CA ARG D 111 17.80 29.08 1.25
C ARG D 111 16.80 29.63 0.25
N GLY D 112 15.52 29.50 0.57
CA GLY D 112 14.47 30.20 -0.14
C GLY D 112 13.89 31.28 0.77
N LYS D 113 12.71 31.76 0.44
CA LYS D 113 12.22 32.96 1.07
C LYS D 113 11.33 32.72 2.28
N TYR D 114 10.89 31.48 2.49
CA TYR D 114 9.87 31.22 3.50
C TYR D 114 10.41 30.73 4.85
N VAL D 115 9.66 31.05 5.90
CA VAL D 115 9.92 30.62 7.27
C VAL D 115 8.81 29.66 7.66
N VAL D 116 9.13 28.44 8.05
CA VAL D 116 8.08 27.47 8.37
C VAL D 116 8.16 27.06 9.84
N CYS D 117 7.01 27.14 10.53
CA CYS D 117 6.86 26.62 11.88
C CYS D 117 5.98 25.37 11.86
N PHE D 118 6.39 24.33 12.56
CA PHE D 118 5.61 23.10 12.50
C PHE D 118 5.74 22.23 13.70
N ASP D 119 4.68 21.46 13.93
CA ASP D 119 4.66 20.40 14.92
C ASP D 119 4.53 19.13 14.10
N PRO D 120 5.65 18.39 13.95
CA PRO D 120 5.66 17.29 12.98
C PRO D 120 4.76 16.12 13.34
N LEU D 121 4.52 15.91 14.63
CA LEU D 121 3.57 14.89 15.05
C LEU D 121 2.81 15.25 16.35
N ASP D 122 1.86 16.17 16.26
CA ASP D 122 1.02 16.59 17.38
C ASP D 122 0.14 15.46 17.93
N GLY D 123 0.14 15.30 19.26
CA GLY D 123 -0.73 14.31 19.91
C GLY D 123 -0.02 12.98 20.10
N SER D 124 1.22 12.91 19.60
CA SER D 124 2.01 11.68 19.60
C SER D 124 2.42 11.22 20.98
N SER D 125 2.16 12.05 22.00
CA SER D 125 2.41 11.69 23.38
C SER D 125 1.61 10.45 23.82
N ASN D 126 0.47 10.21 23.16
CA ASN D 126 -0.41 9.12 23.54
C ASN D 126 -0.60 8.11 22.42
N ILE D 127 0.25 8.22 21.41
CA ILE D 127 0.19 7.41 20.22
C ILE D 127 0.18 5.90 20.55
N ASP D 128 0.63 5.54 21.76
CA ASP D 128 0.63 4.15 22.21
C ASP D 128 -0.78 3.61 22.35
N CYS D 129 -1.77 4.51 22.36
CA CYS D 129 -3.17 4.08 22.35
C CYS D 129 -3.86 4.26 21.00
N LEU D 130 -3.07 4.54 19.96
CA LEU D 130 -3.53 4.77 18.55
C LEU D 130 -4.50 5.94 18.33
N VAL D 131 -4.40 6.93 19.20
CA VAL D 131 -5.16 8.14 19.05
C VAL D 131 -4.74 8.85 17.73
N SER D 132 -5.72 9.41 17.01
CA SER D 132 -5.44 10.34 15.93
C SER D 132 -4.29 11.25 16.30
N VAL D 133 -3.43 11.49 15.32
CA VAL D 133 -2.31 12.39 15.45
C VAL D 133 -2.26 13.27 14.19
N GLY D 134 -1.34 14.21 14.18
CA GLY D 134 -1.35 15.17 13.11
C GLY D 134 -0.04 15.90 13.01
N THR D 135 0.11 16.57 11.88
CA THR D 135 1.21 17.43 11.61
C THR D 135 0.56 18.80 11.41
N ILE D 136 1.10 19.82 12.06
CA ILE D 136 0.55 21.17 11.99
C ILE D 136 1.69 22.02 11.43
N PHE D 137 1.36 22.94 10.53
CA PHE D 137 2.38 23.82 9.94
C PHE D 137 1.83 25.22 9.62
N GLY D 138 2.73 26.19 9.61
CA GLY D 138 2.35 27.58 9.35
C GLY D 138 3.51 28.15 8.60
N ILE D 139 3.23 28.81 7.48
CA ILE D 139 4.29 29.31 6.62
C ILE D 139 4.32 30.83 6.53
N TYR D 140 5.49 31.44 6.78
CA TYR D 140 5.59 32.88 6.64
C TYR D 140 6.56 33.25 5.54
N ARG D 141 6.40 34.46 5.03
CA ARG D 141 7.42 35.05 4.17
C ARG D 141 8.45 35.69 5.11
N LYS D 142 9.75 35.49 4.86
CA LYS D 142 10.78 36.15 5.66
C LYS D 142 10.69 37.65 5.36
N LYS D 143 10.51 38.45 6.41
CA LYS D 143 10.20 39.88 6.25
C LYS D 143 11.41 40.80 6.14
N SER D 144 12.58 40.33 6.53
CA SER D 144 13.74 41.19 6.44
C SER D 144 14.89 40.51 5.74
N THR D 145 15.88 41.34 5.36
CA THR D 145 17.03 40.89 4.61
C THR D 145 18.19 40.53 5.53
N ASP D 146 17.99 40.63 6.85
CA ASP D 146 19.04 40.25 7.80
C ASP D 146 19.38 38.78 7.60
N GLU D 147 20.58 38.38 8.00
CA GLU D 147 20.95 36.96 8.03
C GLU D 147 19.84 36.18 8.77
N PRO D 148 19.42 35.02 8.21
CA PRO D 148 18.33 34.24 8.79
C PRO D 148 18.63 33.74 10.20
N SER D 149 17.64 33.87 11.07
CA SER D 149 17.74 33.58 12.50
C SER D 149 16.33 33.37 13.09
N GLU D 150 16.26 32.99 14.37
CA GLU D 150 14.98 32.79 15.05
C GLU D 150 14.02 33.97 14.99
N LYS D 151 14.54 35.20 14.87
CA LYS D 151 13.71 36.41 14.86
C LYS D 151 12.77 36.42 13.68
N ASP D 152 13.17 35.70 12.64
CA ASP D 152 12.35 35.61 11.44
C ASP D 152 11.05 34.82 11.64
N ALA D 153 11.00 33.98 12.68
CA ALA D 153 9.79 33.21 12.96
C ALA D 153 8.86 33.96 13.92
N LEU D 154 9.33 35.08 14.48
CA LEU D 154 8.57 35.83 15.49
C LEU D 154 7.66 36.83 14.81
N GLN D 155 6.75 36.34 14.00
CA GLN D 155 5.79 37.17 13.31
C GLN D 155 4.42 36.83 13.89
N PRO D 156 3.50 37.80 13.93
CA PRO D 156 2.14 37.45 14.30
C PRO D 156 1.53 36.52 13.27
N GLY D 157 0.56 35.71 13.70
CA GLY D 157 -0.21 34.83 12.81
C GLY D 157 -0.87 35.53 11.63
N ARG D 158 -1.26 36.78 11.83
CA ARG D 158 -1.73 37.67 10.76
C ARG D 158 -0.83 37.64 9.52
N ASN D 159 0.46 37.42 9.73
CA ASN D 159 1.45 37.48 8.65
C ASN D 159 1.58 36.15 7.89
N LEU D 160 0.87 35.11 8.34
CA LEU D 160 0.84 33.82 7.62
C LEU D 160 0.50 33.95 6.17
N VAL D 161 1.22 33.15 5.38
CA VAL D 161 1.00 33.03 3.97
C VAL D 161 0.10 31.81 3.73
N ALA D 162 0.43 30.72 4.37
CA ALA D 162 -0.32 29.49 4.27
C ALA D 162 -0.20 28.78 5.63
N ALA D 163 -1.26 28.06 6.01
CA ALA D 163 -1.24 27.23 7.21
C ALA D 163 -2.15 26.02 7.05
N GLY D 164 -1.89 24.98 7.83
CA GLY D 164 -2.75 23.80 7.74
C GLY D 164 -2.33 22.71 8.70
N TYR D 165 -2.89 21.53 8.50
CA TYR D 165 -2.54 20.36 9.26
C TYR D 165 -2.78 19.14 8.39
N ALA D 166 -2.03 18.09 8.69
CA ALA D 166 -2.37 16.74 8.23
C ALA D 166 -2.93 15.99 9.40
N LEU D 167 -4.10 15.40 9.24
CA LEU D 167 -4.67 14.59 10.29
C LEU D 167 -4.51 13.14 9.89
N TYR D 168 -3.92 12.35 10.78
CA TYR D 168 -3.73 10.93 10.51
C TYR D 168 -4.81 10.22 11.35
N GLY D 169 -6.04 10.22 10.87
CA GLY D 169 -7.16 9.62 11.58
C GLY D 169 -7.58 8.31 10.96
N SER D 170 -8.91 8.10 10.87
CA SER D 170 -9.43 6.94 10.16
C SER D 170 -8.85 6.95 8.75
N ALA D 171 -8.76 8.15 8.19
CA ALA D 171 -8.00 8.38 6.97
C ALA D 171 -7.06 9.56 7.14
N THR D 172 -6.18 9.74 6.18
CA THR D 172 -5.21 10.82 6.27
C THR D 172 -5.69 11.98 5.42
N MET D 173 -5.86 13.15 6.04
CA MET D 173 -6.36 14.32 5.32
C MET D 173 -5.46 15.53 5.54
N LEU D 174 -5.22 16.25 4.44
CA LEU D 174 -4.50 17.52 4.47
C LEU D 174 -5.50 18.68 4.37
N VAL D 175 -5.43 19.60 5.32
CA VAL D 175 -6.27 20.79 5.35
C VAL D 175 -5.31 21.93 5.11
N LEU D 176 -5.53 22.66 4.02
CA LEU D 176 -4.65 23.75 3.70
C LEU D 176 -5.42 25.05 3.56
N ALA D 177 -5.03 26.03 4.36
CA ALA D 177 -5.65 27.33 4.38
C ALA D 177 -4.70 28.34 3.76
N MET D 178 -5.23 29.12 2.83
CA MET D 178 -4.53 30.27 2.27
C MET D 178 -5.56 31.36 2.10
N ASP D 179 -5.17 32.43 1.44
CA ASP D 179 -6.05 33.56 1.21
C ASP D 179 -7.31 33.12 0.49
N CYS D 180 -7.19 32.14 -0.41
CA CYS D 180 -8.34 31.67 -1.18
C CYS D 180 -9.37 30.91 -0.34
N GLY D 181 -9.03 30.58 0.91
CA GLY D 181 -9.92 29.78 1.74
C GLY D 181 -9.32 28.49 2.24
N VAL D 182 -10.17 27.63 2.78
CA VAL D 182 -9.70 26.39 3.34
C VAL D 182 -10.07 25.24 2.42
N ASN D 183 -9.09 24.43 2.05
CA ASN D 183 -9.36 23.31 1.14
C ASN D 183 -8.88 21.99 1.71
N CYS D 184 -9.70 20.95 1.57
CA CYS D 184 -9.43 19.66 2.22
C CYS D 184 -9.08 18.58 1.21
N PHE D 185 -7.97 17.89 1.48
CA PHE D 185 -7.49 16.91 0.49
C PHE D 185 -7.32 15.58 1.18
N MET D 186 -7.95 14.54 0.64
CA MET D 186 -7.80 13.20 1.18
C MET D 186 -6.69 12.39 0.52
N LEU D 187 -5.76 11.88 1.33
CA LEU D 187 -4.72 11.00 0.84
C LEU D 187 -5.32 9.65 0.38
N ASP D 188 -5.05 9.31 -0.87
CA ASP D 188 -5.39 7.99 -1.42
C ASP D 188 -4.05 7.28 -1.40
N PRO D 189 -3.89 6.36 -0.45
CA PRO D 189 -2.63 5.67 -0.25
C PRO D 189 -2.29 4.69 -1.44
N ALA D 190 -3.30 4.32 -2.20
CA ALA D 190 -3.13 3.46 -3.36
C ALA D 190 -2.22 4.06 -4.42
N ILE D 191 -2.18 5.38 -4.47
CA ILE D 191 -1.41 6.12 -5.47
C ILE D 191 -0.63 7.26 -4.83
N GLY D 192 -0.86 7.49 -3.54
CA GLY D 192 -0.21 8.61 -2.86
C GLY D 192 -0.51 9.97 -3.46
N GLU D 193 -1.80 10.29 -3.56
CA GLU D 193 -2.23 11.59 -4.04
C GLU D 193 -3.18 12.22 -3.06
N PHE D 194 -3.04 13.51 -2.82
CA PHE D 194 -4.03 14.22 -2.07
C PHE D 194 -5.11 14.73 -2.97
N ILE D 195 -6.27 14.12 -2.83
CA ILE D 195 -7.41 14.37 -3.68
C ILE D 195 -8.30 15.43 -3.05
N LEU D 196 -8.60 16.50 -3.79
CA LEU D 196 -9.41 17.58 -3.22
C LEU D 196 -10.80 17.02 -2.99
N VAL D 197 -11.27 17.01 -1.75
CA VAL D 197 -12.60 16.46 -1.45
C VAL D 197 -13.63 17.43 -0.84
N ASP D 198 -13.14 18.53 -0.27
CA ASP D 198 -14.02 19.55 0.29
C ASP D 198 -13.41 20.91 -0.04
N LYS D 199 -14.17 21.73 -0.76
CA LYS D 199 -13.61 22.97 -1.35
C LYS D 199 -14.04 24.20 -0.59
N ASP D 200 -13.10 25.12 -0.38
CA ASP D 200 -13.41 26.41 0.19
C ASP D 200 -14.38 26.25 1.37
N VAL D 201 -13.98 25.48 2.39
CA VAL D 201 -14.91 25.10 3.45
C VAL D 201 -15.12 26.21 4.50
N LYS D 202 -16.30 26.22 5.11
CA LYS D 202 -16.68 27.24 6.10
C LYS D 202 -17.28 26.60 7.36
N ILE D 203 -16.93 27.14 8.52
CA ILE D 203 -17.46 26.59 9.77
C ILE D 203 -18.91 27.05 10.01
N LYS D 204 -19.72 26.16 10.61
CA LYS D 204 -21.05 26.55 11.06
C LYS D 204 -20.93 27.81 11.95
N LYS D 205 -21.87 28.72 11.78
CA LYS D 205 -21.94 29.92 12.61
C LYS D 205 -22.05 29.58 14.12
N LYS D 206 -22.74 28.48 14.43
CA LYS D 206 -22.92 28.00 15.82
C LYS D 206 -22.94 26.47 15.89
N GLY D 207 -22.20 25.91 16.83
CA GLY D 207 -22.14 24.45 17.01
C GLY D 207 -22.96 23.90 18.15
N LYS D 208 -22.77 22.60 18.40
CA LYS D 208 -23.49 21.87 19.41
C LYS D 208 -22.55 20.99 20.23
N ILE D 209 -21.24 21.23 20.11
CA ILE D 209 -20.24 20.44 20.78
C ILE D 209 -19.26 21.37 21.50
N TYR D 210 -18.84 20.99 22.72
CA TYR D 210 -17.73 21.72 23.35
C TYR D 210 -16.57 20.78 23.63
N SER D 211 -15.36 21.31 23.61
CA SER D 211 -14.19 20.47 23.71
C SER D 211 -13.07 21.02 24.59
N LEU D 212 -12.90 20.43 25.76
CA LEU D 212 -11.78 20.76 26.62
C LEU D 212 -11.60 19.62 27.58
N ASN D 213 -10.48 19.63 28.30
CA ASN D 213 -10.23 18.67 29.37
C ASN D 213 -10.96 19.12 30.63
N GLU D 214 -12.05 18.44 30.98
CA GLU D 214 -12.82 18.81 32.14
C GLU D 214 -12.26 18.18 33.40
N GLY D 215 -11.32 17.25 33.23
CA GLY D 215 -10.73 16.55 34.37
C GLY D 215 -10.10 17.60 35.27
N TYR D 216 -9.62 18.67 34.64
CA TYR D 216 -8.91 19.71 35.38
C TYR D 216 -9.78 20.89 35.81
N ALA D 217 -11.05 20.61 36.08
CA ALA D 217 -12.06 21.63 36.35
C ALA D 217 -11.70 22.52 37.52
N LYS D 218 -11.02 21.98 38.52
CA LYS D 218 -10.71 22.75 39.72
C LYS D 218 -9.69 23.86 39.49
N ASP D 219 -8.88 23.73 38.46
CA ASP D 219 -7.98 24.80 38.04
C ASP D 219 -8.60 25.75 37.01
N PHE D 220 -9.82 25.43 36.56
CA PHE D 220 -10.51 26.29 35.59
C PHE D 220 -10.58 27.76 36.03
N ASP D 221 -10.38 28.66 35.09
CA ASP D 221 -10.70 30.06 35.31
C ASP D 221 -12.22 30.14 35.58
N PRO D 222 -12.64 31.06 36.47
CA PRO D 222 -14.07 31.23 36.75
C PRO D 222 -14.93 31.35 35.50
N ALA D 223 -14.46 32.12 34.52
CA ALA D 223 -15.16 32.29 33.25
C ALA D 223 -15.32 30.97 32.54
N VAL D 224 -14.27 30.14 32.52
CA VAL D 224 -14.36 28.83 31.86
C VAL D 224 -15.37 27.94 32.61
N THR D 225 -15.28 27.89 33.94
CA THR D 225 -16.31 27.18 34.72
C THR D 225 -17.73 27.59 34.32
N GLU D 226 -17.99 28.90 34.24
CA GLU D 226 -19.35 29.39 33.97
C GLU D 226 -19.82 29.02 32.57
N TYR D 227 -18.92 29.19 31.59
CA TYR D 227 -19.27 28.91 30.21
C TYR D 227 -19.62 27.44 30.01
N ILE D 228 -18.78 26.57 30.55
CA ILE D 228 -19.02 25.13 30.43
C ILE D 228 -20.32 24.76 31.14
N GLN D 229 -20.52 25.26 32.36
CA GLN D 229 -21.79 25.08 33.10
C GLN D 229 -23.04 25.41 32.23
N ARG D 230 -22.96 26.52 31.51
CA ARG D 230 -24.01 26.97 30.62
C ARG D 230 -24.20 26.07 29.42
N LYS D 231 -23.12 25.42 28.97
CA LYS D 231 -23.21 24.47 27.86
C LYS D 231 -23.93 23.20 28.29
N LYS D 232 -23.74 22.79 29.55
CA LYS D 232 -24.40 21.59 30.09
C LYS D 232 -25.77 21.85 30.70
N PHE D 233 -25.93 23.04 31.25
CA PHE D 233 -27.16 23.43 31.87
C PHE D 233 -27.66 24.75 31.27
N PRO D 234 -28.14 24.71 30.02
CA PRO D 234 -28.57 25.96 29.37
C PRO D 234 -29.68 26.65 30.14
N PRO D 235 -29.69 28.00 30.14
CA PRO D 235 -30.70 28.78 30.88
C PRO D 235 -32.08 28.56 30.26
N ASP D 236 -32.11 28.27 28.97
CA ASP D 236 -33.35 28.26 28.22
C ASP D 236 -33.77 26.85 27.85
N ASN D 237 -34.55 26.74 26.78
CA ASN D 237 -35.10 25.46 26.34
C ASN D 237 -34.20 24.70 25.37
N SER D 238 -33.00 25.19 25.13
CA SER D 238 -32.12 24.56 24.16
C SER D 238 -31.53 23.24 24.70
N ALA D 239 -31.09 22.37 23.81
CA ALA D 239 -30.41 21.15 24.21
C ALA D 239 -29.02 21.48 24.79
N PRO D 240 -28.61 20.76 25.84
CA PRO D 240 -27.21 20.84 26.23
C PRO D 240 -26.30 20.39 25.07
N TYR D 241 -25.13 21.00 24.97
CA TYR D 241 -24.14 20.59 23.98
C TYR D 241 -23.62 19.21 24.32
N GLY D 242 -23.17 18.50 23.29
CA GLY D 242 -22.33 17.33 23.47
C GLY D 242 -20.92 17.70 23.85
N ALA D 243 -20.21 16.74 24.43
CA ALA D 243 -18.81 16.92 24.78
C ALA D 243 -17.99 15.89 24.03
N ARG D 244 -16.93 16.36 23.37
CA ARG D 244 -15.89 15.50 22.77
C ARG D 244 -14.52 16.08 23.10
N TYR D 245 -13.59 15.22 23.53
CA TYR D 245 -12.20 15.64 23.71
C TYR D 245 -11.21 14.52 23.45
N VAL D 246 -10.66 14.53 22.25
CA VAL D 246 -9.68 13.53 21.87
C VAL D 246 -8.35 13.69 22.62
N GLY D 247 -8.02 14.91 23.02
CA GLY D 247 -6.72 15.15 23.60
C GLY D 247 -5.60 15.27 22.57
N SER D 248 -5.97 15.14 21.28
CA SER D 248 -5.03 15.43 20.18
C SER D 248 -5.59 16.66 19.48
N MET D 249 -4.87 17.77 19.52
CA MET D 249 -5.35 19.04 18.98
C MET D 249 -5.86 18.96 17.55
N VAL D 250 -5.08 18.32 16.66
CA VAL D 250 -5.46 18.22 15.25
C VAL D 250 -6.82 17.57 15.09
N ALA D 251 -7.03 16.44 15.77
CA ALA D 251 -8.29 15.72 15.76
C ALA D 251 -9.42 16.60 16.29
N ASP D 252 -9.18 17.30 17.41
CA ASP D 252 -10.24 18.10 18.04
C ASP D 252 -10.60 19.32 17.24
N VAL D 253 -9.59 20.01 16.71
CA VAL D 253 -9.82 21.15 15.83
C VAL D 253 -10.51 20.73 14.50
N HIS D 254 -10.10 19.62 13.88
CA HIS D 254 -10.70 19.25 12.63
C HIS D 254 -12.17 18.86 12.80
N ARG D 255 -12.52 18.17 13.88
CA ARG D 255 -13.92 17.94 14.24
C ARG D 255 -14.65 19.29 14.42
N THR D 256 -14.00 20.25 15.09
CA THR D 256 -14.62 21.56 15.31
C THR D 256 -14.93 22.19 13.96
N LEU D 257 -13.97 22.10 13.05
CA LEU D 257 -14.15 22.55 11.67
C LEU D 257 -15.32 21.88 10.94
N VAL D 258 -15.44 20.57 11.05
CA VAL D 258 -16.40 19.81 10.28
C VAL D 258 -17.82 19.91 10.87
N TYR D 259 -17.91 19.86 12.20
CA TYR D 259 -19.20 19.85 12.90
C TYR D 259 -19.59 21.15 13.58
N GLY D 260 -18.70 22.13 13.63
CA GLY D 260 -19.00 23.36 14.37
C GLY D 260 -18.75 23.16 15.86
N GLY D 261 -18.90 24.22 16.65
CA GLY D 261 -18.65 24.15 18.07
C GLY D 261 -17.46 24.94 18.57
N ILE D 262 -16.84 24.42 19.62
CA ILE D 262 -15.83 25.15 20.32
C ILE D 262 -14.82 24.21 20.96
N PHE D 263 -13.55 24.60 20.78
CA PHE D 263 -12.45 23.90 21.35
C PHE D 263 -11.72 24.89 22.27
N LEU D 264 -11.43 24.45 23.50
CA LEU D 264 -10.82 25.35 24.48
C LEU D 264 -9.57 24.74 25.10
N TYR D 265 -8.46 25.49 25.05
CA TYR D 265 -7.32 25.23 25.88
C TYR D 265 -6.93 26.55 26.56
N PRO D 266 -7.69 26.94 27.59
CA PRO D 266 -7.67 28.32 28.02
C PRO D 266 -6.59 28.56 29.05
N ALA D 267 -6.33 29.83 29.32
CA ALA D 267 -5.40 30.18 30.37
C ALA D 267 -6.09 29.92 31.73
N ASN D 268 -5.28 29.63 32.74
CA ASN D 268 -5.72 29.62 34.13
C ASN D 268 -4.60 30.15 35.01
N LYS D 269 -4.82 30.20 36.32
CA LYS D 269 -3.85 30.77 37.26
C LYS D 269 -2.47 30.11 37.25
N LYS D 270 -2.46 28.79 37.15
CA LYS D 270 -1.19 28.06 37.18
C LYS D 270 -0.55 28.03 35.79
N SER D 271 -1.33 28.45 34.79
CA SER D 271 -0.88 28.60 33.41
C SER D 271 -1.53 29.82 32.74
N PRO D 272 -1.00 31.01 33.01
CA PRO D 272 -1.67 32.23 32.55
C PRO D 272 -1.45 32.55 31.07
N ASN D 273 -0.54 31.81 30.42
CA ASN D 273 -0.45 31.83 28.96
C ASN D 273 -0.93 30.54 28.32
N GLY D 274 -1.74 29.74 29.03
CA GLY D 274 -2.19 28.46 28.50
C GLY D 274 -1.06 27.44 28.39
N LYS D 275 -1.22 26.44 27.51
CA LYS D 275 -0.23 25.39 27.36
C LYS D 275 0.16 25.03 25.92
N LEU D 276 -0.72 25.25 24.95
CA LEU D 276 -0.37 24.98 23.58
C LEU D 276 0.64 26.02 23.16
N ARG D 277 1.45 25.70 22.15
CA ARG D 277 2.45 26.59 21.64
C ARG D 277 1.89 27.44 20.53
N LEU D 278 2.22 28.71 20.60
CA LEU D 278 1.64 29.69 19.70
C LEU D 278 2.08 29.49 18.28
N LEU D 279 3.39 29.36 18.07
CA LEU D 279 3.91 29.38 16.70
C LEU D 279 3.45 28.23 15.83
N TYR D 280 3.26 27.05 16.41
CA TYR D 280 3.06 25.87 15.56
C TYR D 280 1.95 24.95 16.03
N GLU D 281 1.09 25.47 16.91
CA GLU D 281 -0.18 24.86 17.21
C GLU D 281 -1.26 25.90 17.13
N CYS D 282 -1.16 26.93 17.95
CA CYS D 282 -2.24 27.90 18.03
C CYS D 282 -2.42 28.69 16.79
N ASN D 283 -1.36 29.35 16.31
CA ASN D 283 -1.43 30.22 15.13
C ASN D 283 -1.93 29.53 13.83
N PRO D 284 -1.35 28.37 13.47
CA PRO D 284 -1.88 27.66 12.30
C PRO D 284 -3.36 27.35 12.44
N MET D 285 -3.78 26.85 13.59
CA MET D 285 -5.19 26.50 13.75
C MET D 285 -6.09 27.75 13.76
N ALA D 286 -5.59 28.84 14.31
CA ALA D 286 -6.32 30.10 14.34
C ALA D 286 -6.50 30.69 12.95
N TYR D 287 -5.58 30.35 12.04
CA TYR D 287 -5.60 30.85 10.70
C TYR D 287 -6.57 30.04 9.85
N VAL D 288 -6.54 28.74 10.03
CA VAL D 288 -7.53 27.88 9.42
C VAL D 288 -8.94 28.34 9.83
N MET D 289 -9.17 28.50 11.13
CA MET D 289 -10.50 28.90 11.65
C MET D 289 -10.99 30.21 11.00
N GLU D 290 -10.12 31.19 10.98
CA GLU D 290 -10.46 32.48 10.41
C GLU D 290 -10.73 32.41 8.91
N LYS D 291 -9.92 31.65 8.18
CA LYS D 291 -10.17 31.47 6.73
C LYS D 291 -11.42 30.70 6.42
N ALA D 292 -11.84 29.83 7.35
CA ALA D 292 -13.14 29.15 7.28
C ALA D 292 -14.31 29.93 7.90
N GLY D 293 -14.03 31.12 8.39
CA GLY D 293 -15.07 31.97 8.95
C GLY D 293 -15.33 31.77 10.43
N GLY D 294 -14.37 31.19 11.15
CA GLY D 294 -14.51 30.94 12.56
C GLY D 294 -13.69 31.96 13.31
N MET D 295 -13.49 31.74 14.60
CA MET D 295 -12.65 32.65 15.35
C MET D 295 -11.74 31.88 16.24
N ALA D 296 -10.73 32.57 16.74
CA ALA D 296 -9.74 31.98 17.61
C ALA D 296 -9.21 33.08 18.50
N THR D 297 -9.50 32.98 19.80
CA THR D 297 -9.13 34.01 20.77
C THR D 297 -8.22 33.48 21.90
N THR D 298 -7.50 34.40 22.58
CA THR D 298 -6.75 34.00 23.78
C THR D 298 -7.59 34.26 25.03
N GLY D 299 -8.79 34.82 24.81
CA GLY D 299 -9.59 35.40 25.89
C GLY D 299 -9.50 36.92 25.83
N LYS D 300 -8.31 37.43 25.54
CA LYS D 300 -8.03 38.85 25.59
C LYS D 300 -7.84 39.49 24.21
N GLU D 301 -7.44 38.68 23.23
CA GLU D 301 -7.23 39.17 21.85
C GLU D 301 -7.27 37.99 20.90
N ALA D 302 -7.36 38.25 19.60
CA ALA D 302 -7.22 37.20 18.61
C ALA D 302 -5.79 36.64 18.65
N VAL D 303 -5.72 35.33 18.62
CA VAL D 303 -4.45 34.59 18.62
C VAL D 303 -3.51 35.09 17.54
N LEU D 304 -4.10 35.46 16.38
CA LEU D 304 -3.35 35.91 15.21
C LEU D 304 -2.67 37.28 15.44
N ASP D 305 -3.13 38.03 16.45
CA ASP D 305 -2.55 39.37 16.73
C ASP D 305 -1.44 39.35 17.76
N VAL D 306 -1.29 38.22 18.44
CA VAL D 306 -0.21 38.05 19.41
C VAL D 306 1.12 38.18 18.64
N ILE D 307 1.99 39.04 19.14
CA ILE D 307 3.32 39.23 18.56
C ILE D 307 4.24 38.39 19.45
N PRO D 308 4.85 37.34 18.90
CA PRO D 308 5.67 36.42 19.69
C PRO D 308 7.06 36.98 20.09
N THR D 309 7.54 36.64 21.27
CA THR D 309 8.87 37.04 21.69
C THR D 309 9.81 35.83 21.85
N ASP D 310 9.24 34.63 21.93
CA ASP D 310 9.98 33.37 22.10
C ASP D 310 9.32 32.31 21.18
N ILE D 311 10.13 31.53 20.45
CA ILE D 311 9.57 30.61 19.44
C ILE D 311 8.68 29.47 20.02
N HIS D 312 8.91 29.17 21.29
CA HIS D 312 8.18 28.11 21.97
C HIS D 312 7.12 28.66 22.94
N GLN D 313 6.88 29.96 22.89
CA GLN D 313 5.96 30.57 23.87
C GLN D 313 4.57 29.94 23.80
N ARG D 314 3.89 29.92 24.93
CA ARG D 314 2.55 29.38 25.01
C ARG D 314 1.49 30.44 24.67
N ALA D 315 0.28 30.00 24.36
CA ALA D 315 -0.82 30.91 24.12
C ALA D 315 -2.10 30.20 24.49
N PRO D 316 -3.02 30.93 25.16
CA PRO D 316 -4.33 30.36 25.42
C PRO D 316 -5.03 30.31 24.08
N VAL D 317 -5.95 29.37 23.90
CA VAL D 317 -6.67 29.30 22.63
C VAL D 317 -8.13 28.84 22.81
N ILE D 318 -9.05 29.59 22.24
CA ILE D 318 -10.45 29.17 22.26
C ILE D 318 -10.87 29.44 20.83
N LEU D 319 -11.35 28.41 20.14
CA LEU D 319 -11.63 28.57 18.70
C LEU D 319 -12.86 27.83 18.29
N GLY D 320 -13.35 28.13 17.10
CA GLY D 320 -14.52 27.45 16.60
C GLY D 320 -15.52 28.38 15.96
N SER D 321 -16.77 27.93 15.97
CA SER D 321 -17.88 28.67 15.38
C SER D 321 -17.92 30.07 16.01
N PRO D 322 -18.21 31.09 15.21
CA PRO D 322 -18.13 32.46 15.73
C PRO D 322 -19.12 32.75 16.87
N ASP D 323 -20.37 32.34 16.72
CA ASP D 323 -21.36 32.48 17.82
C ASP D 323 -20.90 31.90 19.14
N ASP D 324 -20.16 30.81 19.06
CA ASP D 324 -19.75 30.08 20.26
C ASP D 324 -18.58 30.81 20.90
N VAL D 325 -17.61 31.19 20.08
CA VAL D 325 -16.46 31.91 20.57
C VAL D 325 -16.86 33.28 21.13
N LEU D 326 -17.81 33.95 20.48
CA LEU D 326 -18.33 35.21 21.04
C LEU D 326 -19.08 35.03 22.40
N GLU D 327 -19.85 33.95 22.52
CA GLU D 327 -20.51 33.63 23.79
C GLU D 327 -19.48 33.37 24.88
N PHE D 328 -18.44 32.64 24.54
CA PHE D 328 -17.33 32.52 25.46
C PHE D 328 -16.79 33.89 25.86
N LEU D 329 -16.63 34.80 24.90
CA LEU D 329 -16.01 36.09 25.24
C LEU D 329 -16.94 36.94 26.11
N LYS D 330 -18.24 36.84 25.84
CA LYS D 330 -19.24 37.41 26.77
C LYS D 330 -19.02 36.93 28.21
N VAL D 331 -18.84 35.62 28.40
CA VAL D 331 -18.67 35.10 29.75
C VAL D 331 -17.29 35.46 30.32
N TYR D 332 -16.29 35.43 29.45
CA TYR D 332 -14.93 35.79 29.81
C TYR D 332 -14.88 37.19 30.40
N GLU D 333 -15.44 38.14 29.67
CA GLU D 333 -15.46 39.57 30.03
C GLU D 333 -16.25 39.88 31.28
N LYS D 334 -17.34 39.14 31.49
CA LYS D 334 -18.11 39.16 32.72
C LYS D 334 -17.21 38.97 33.93
N HIS D 335 -16.23 38.08 33.82
CA HIS D 335 -15.29 37.82 34.90
C HIS D 335 -14.01 38.65 34.86
N SER D 336 -13.82 39.42 33.80
CA SER D 336 -12.70 40.34 33.72
C SER D 336 -13.07 41.65 34.41
N ALA D 337 -12.29 42.14 35.22
#